data_5GY1
#
_entry.id   5GY1
#
_cell.length_a   106.546
_cell.length_b   108.623
_cell.length_c   137.716
_cell.angle_alpha   90.00
_cell.angle_beta   90.00
_cell.angle_gamma   90.00
#
_symmetry.space_group_name_H-M   'P 21 21 21'
#
loop_
_entity.id
_entity.type
_entity.pdbx_description
1 polymer Glucanase
2 branched beta-D-glucopyranose-(1-4)-beta-D-glucopyranose-(1-4)-beta-D-glucopyranose
3 non-polymer 'CALCIUM ION'
4 non-polymer 'CHLORIDE ION'
5 non-polymer 'BROMIDE ION'
6 water water
#
_entity_poly.entity_id   1
_entity_poly.type   'polypeptide(L)'
_entity_poly.pdbx_seq_one_letter_code
;MAGSYNYAEALQKAIYFYECQQAGPLPEWNRVEWRGDATMNDEVLGGWYDAGAHVKFNLPMAYSAAMLGWALYEYGDDIE
ASGQRLHLERNLAFALDYLVACDRGDSVVYQIGDGAADHKWWGSAEVIEKEMTRPYFVGKGSAVVGQMAAALAVGSIVLK
NDTYLRYAKKYFELADATRSDSTYTAANGFYSSHSGFWDELLWASTWLYLATGDRNYLDKAESYTPKLNRQNQTTDIEYQ
WAHCWDDCHYGAMILLARATGKEEYHKFAQMHLDWWTPQGYNGKRVAYTPGGLAHLDTWGPLRYATTEAFLAFVYADSIN
DPALKQKYYNFAKSQIDYALGSNPDNRSYVVGFGNNPPQRPHHRTAHGTWLDKRDIPEKHRHVLYGALVGGPGRDDSYED
NIEDYVKNEVACDYNAGFVGALCRLTAEYGGTPLANFPPPEQRDDEFFVEAAINQASDHFTEIKALLNNRSSWPARLIKD
LSYNYYMDLTEVFEAGYSVDDIKVTIGYCESGMDVEISPITHLYDNIYYIKISYIDGTNICPIGQEQYAAELQFRIAAPQ
GTKFWDPTNDFSYQGLTRELAKTKYMPVFDGATKIFGEVPGGLEHHHHHH
;
_entity_poly.pdbx_strand_id   A,B
#
loop_
_chem_comp.id
_chem_comp.type
_chem_comp.name
_chem_comp.formula
BGC D-saccharide, beta linking beta-D-glucopyranose 'C6 H12 O6'
BR non-polymer 'BROMIDE ION' 'Br -1'
CA non-polymer 'CALCIUM ION' 'Ca 2'
CL non-polymer 'CHLORIDE ION' 'Cl -1'
#
# COMPACT_ATOMS: atom_id res chain seq x y z
N SER A 4 -39.79 -32.27 -32.66
CA SER A 4 -39.37 -31.82 -31.30
C SER A 4 -38.56 -30.53 -31.47
N TYR A 5 -37.30 -30.65 -31.07
CA TYR A 5 -36.35 -29.54 -31.09
C TYR A 5 -35.77 -29.42 -32.50
N ASN A 6 -35.22 -28.25 -32.81
CA ASN A 6 -34.42 -28.10 -34.01
C ASN A 6 -33.01 -28.59 -33.72
N TYR A 7 -32.80 -29.89 -33.96
CA TYR A 7 -31.52 -30.52 -33.67
C TYR A 7 -30.40 -29.97 -34.56
N ALA A 8 -30.73 -29.53 -35.77
CA ALA A 8 -29.74 -28.95 -36.66
C ALA A 8 -29.20 -27.65 -36.08
N GLU A 9 -30.08 -26.83 -35.51
CA GLU A 9 -29.64 -25.60 -34.86
C GLU A 9 -28.83 -25.88 -33.60
N ALA A 10 -29.26 -26.86 -32.81
CA ALA A 10 -28.49 -27.26 -31.64
C ALA A 10 -27.09 -27.70 -32.06
N LEU A 11 -27.00 -28.50 -33.12
CA LEU A 11 -25.70 -28.96 -33.60
C LEU A 11 -24.84 -27.81 -34.07
N GLN A 12 -25.43 -26.92 -34.86
CA GLN A 12 -24.75 -25.73 -35.34
C GLN A 12 -24.11 -24.99 -34.16
N LYS A 13 -24.89 -24.76 -33.11
CA LYS A 13 -24.36 -23.99 -32.00
C LYS A 13 -23.34 -24.79 -31.20
N ALA A 14 -23.59 -26.08 -31.02
CA ALA A 14 -22.71 -26.93 -30.21
C ALA A 14 -21.30 -27.04 -30.80
N ILE A 15 -21.22 -26.91 -32.12
CA ILE A 15 -19.95 -26.91 -32.83
C ILE A 15 -19.27 -25.54 -32.72
N TYR A 16 -20.05 -24.47 -32.85
CA TYR A 16 -19.55 -23.11 -32.72
C TYR A 16 -18.88 -22.91 -31.36
N PHE A 17 -19.41 -23.53 -30.32
CA PHE A 17 -18.75 -23.50 -29.00
C PHE A 17 -17.23 -23.71 -29.09
N TYR A 18 -16.78 -24.68 -29.89
CA TYR A 18 -15.35 -24.93 -30.01
C TYR A 18 -14.53 -23.77 -30.59
N GLU A 19 -15.14 -22.96 -31.46
CA GLU A 19 -14.44 -21.77 -31.94
C GLU A 19 -14.26 -20.75 -30.82
N CYS A 20 -15.17 -20.74 -29.85
CA CYS A 20 -15.01 -19.88 -28.67
C CYS A 20 -13.83 -20.29 -27.77
N GLN A 21 -13.46 -21.56 -27.85
CA GLN A 21 -12.41 -22.14 -27.02
C GLN A 21 -11.05 -22.12 -27.72
N GLN A 22 -10.97 -21.70 -28.98
CA GLN A 22 -9.71 -21.77 -29.71
C GLN A 22 -8.61 -20.84 -29.18
N ALA A 23 -7.39 -21.38 -29.03
CA ALA A 23 -6.26 -20.55 -28.61
C ALA A 23 -5.59 -20.00 -29.86
N GLY A 24 -4.77 -18.97 -29.74
CA GLY A 24 -4.17 -18.38 -30.95
C GLY A 24 -3.07 -19.21 -31.58
N PRO A 25 -2.80 -19.04 -32.88
CA PRO A 25 -3.47 -18.05 -33.72
C PRO A 25 -4.80 -18.61 -34.23
N LEU A 26 -5.83 -17.78 -34.25
CA LEU A 26 -7.13 -18.22 -34.72
C LEU A 26 -7.15 -18.43 -36.24
N PRO A 27 -7.82 -19.47 -36.74
CA PRO A 27 -7.93 -19.64 -38.18
C PRO A 27 -8.84 -18.56 -38.80
N GLU A 28 -8.71 -18.32 -40.10
CA GLU A 28 -9.51 -17.32 -40.80
C GLU A 28 -11.02 -17.60 -40.66
N TRP A 29 -11.37 -18.88 -40.53
CA TRP A 29 -12.79 -19.27 -40.46
C TRP A 29 -13.43 -19.16 -39.07
N ASN A 30 -12.66 -18.81 -38.04
CA ASN A 30 -13.23 -18.55 -36.71
C ASN A 30 -14.31 -17.47 -36.81
N ARG A 31 -15.51 -17.76 -36.30
CA ARG A 31 -16.67 -16.89 -36.45
C ARG A 31 -17.05 -16.10 -35.20
N VAL A 32 -16.14 -16.06 -34.23
CA VAL A 32 -16.40 -15.45 -32.93
C VAL A 32 -15.82 -14.03 -32.86
N GLU A 33 -16.67 -13.01 -32.98
CA GLU A 33 -16.17 -11.62 -33.03
C GLU A 33 -15.43 -11.21 -31.76
N TRP A 34 -15.73 -11.85 -30.63
CA TRP A 34 -15.11 -11.48 -29.36
C TRP A 34 -13.92 -12.37 -29.01
N ARG A 35 -13.46 -13.18 -29.96
CA ARG A 35 -12.20 -13.91 -29.76
C ARG A 35 -11.12 -13.41 -30.73
N GLY A 36 -9.91 -13.17 -30.22
CA GLY A 36 -8.77 -12.80 -31.06
C GLY A 36 -7.62 -13.76 -30.78
N ASP A 37 -6.48 -13.51 -31.40
CA ASP A 37 -5.31 -14.38 -31.20
C ASP A 37 -4.88 -14.22 -29.75
N ALA A 38 -4.86 -15.30 -28.98
CA ALA A 38 -4.47 -15.20 -27.57
C ALA A 38 -3.40 -16.23 -27.32
N THR A 39 -2.69 -16.06 -26.21
CA THR A 39 -1.63 -16.95 -25.73
C THR A 39 -0.63 -17.26 -26.85
N MET A 40 -0.26 -16.22 -27.59
CA MET A 40 0.66 -16.39 -28.72
C MET A 40 2.09 -16.72 -28.28
N ASN A 41 2.38 -16.56 -27.00
CA ASN A 41 3.71 -16.96 -26.54
C ASN A 41 3.75 -18.39 -26.01
N ASP A 42 2.67 -19.14 -26.18
CA ASP A 42 2.63 -20.51 -25.69
C ASP A 42 3.66 -21.39 -26.39
N GLU A 43 4.23 -22.35 -25.65
CA GLU A 43 5.12 -23.34 -26.24
C GLU A 43 4.53 -24.09 -27.44
N VAL A 44 3.24 -24.42 -27.39
CA VAL A 44 2.56 -25.03 -28.54
C VAL A 44 1.29 -24.20 -28.79
N LEU A 45 1.13 -23.77 -30.04
CA LEU A 45 0.07 -22.83 -30.43
C LEU A 45 -1.18 -23.59 -30.86
N GLY A 46 -2.33 -22.90 -30.95
CA GLY A 46 -3.57 -23.56 -31.32
C GLY A 46 -4.13 -24.45 -30.22
N GLY A 47 -5.01 -25.38 -30.58
CA GLY A 47 -5.72 -26.19 -29.59
C GLY A 47 -6.79 -25.40 -28.85
N TRP A 48 -7.44 -26.05 -27.91
CA TRP A 48 -8.54 -25.44 -27.17
C TRP A 48 -8.15 -25.19 -25.71
N TYR A 49 -8.64 -24.08 -25.17
CA TYR A 49 -8.74 -23.90 -23.73
C TYR A 49 -9.75 -24.92 -23.25
N ASP A 50 -9.48 -25.52 -22.10
CA ASP A 50 -10.29 -26.65 -21.67
C ASP A 50 -11.74 -26.29 -21.33
N ALA A 51 -11.93 -25.30 -20.47
CA ALA A 51 -13.22 -25.12 -19.84
C ALA A 51 -13.50 -23.64 -19.75
N GLY A 52 -13.75 -23.11 -18.55
CA GLY A 52 -14.04 -21.69 -18.44
C GLY A 52 -12.79 -20.85 -18.17
N ALA A 53 -11.62 -21.45 -18.30
CA ALA A 53 -10.36 -20.72 -18.14
C ALA A 53 -9.42 -20.98 -19.31
N HIS A 54 -8.10 -20.94 -19.09
CA HIS A 54 -7.16 -20.84 -20.20
C HIS A 54 -6.01 -21.84 -20.19
N VAL A 55 -6.19 -22.95 -19.48
CA VAL A 55 -5.26 -24.06 -19.53
C VAL A 55 -5.52 -24.95 -20.74
N LYS A 56 -4.46 -25.42 -21.40
CA LYS A 56 -4.60 -26.48 -22.39
C LYS A 56 -4.25 -27.80 -21.67
N PHE A 57 -5.28 -28.60 -21.38
CA PHE A 57 -5.13 -29.89 -20.72
C PHE A 57 -5.27 -30.98 -21.78
N ASN A 58 -4.18 -31.65 -22.16
CA ASN A 58 -4.27 -32.57 -23.28
C ASN A 58 -5.19 -33.79 -23.16
N LEU A 59 -5.39 -34.31 -21.95
CA LEU A 59 -6.22 -35.51 -21.82
C LEU A 59 -7.67 -35.25 -22.23
N PRO A 60 -8.35 -34.27 -21.60
CA PRO A 60 -9.70 -33.96 -22.08
C PRO A 60 -9.72 -33.30 -23.45
N MET A 61 -8.70 -32.53 -23.83
CA MET A 61 -8.66 -31.96 -25.18
C MET A 61 -8.64 -33.07 -26.23
N ALA A 62 -7.69 -34.00 -26.09
CA ALA A 62 -7.61 -35.12 -27.01
C ALA A 62 -8.86 -35.99 -26.96
N TYR A 63 -9.40 -36.24 -25.77
CA TYR A 63 -10.65 -37.01 -25.64
C TYR A 63 -11.75 -36.30 -26.44
N SER A 64 -11.86 -34.98 -26.30
CA SER A 64 -12.95 -34.27 -26.99
C SER A 64 -12.75 -34.37 -28.49
N ALA A 65 -11.51 -34.24 -28.96
CA ALA A 65 -11.23 -34.37 -30.39
C ALA A 65 -11.53 -35.80 -30.89
N ALA A 66 -11.18 -36.83 -30.12
CA ALA A 66 -11.52 -38.21 -30.46
C ALA A 66 -13.04 -38.40 -30.61
N MET A 67 -13.83 -37.78 -29.72
CA MET A 67 -15.30 -37.87 -29.78
C MET A 67 -15.91 -37.14 -30.99
N LEU A 68 -15.36 -35.99 -31.35
CA LEU A 68 -15.82 -35.29 -32.56
C LEU A 68 -15.45 -36.09 -33.82
N GLY A 69 -14.28 -36.70 -33.79
CA GLY A 69 -13.88 -37.67 -34.80
C GLY A 69 -14.88 -38.82 -34.93
N TRP A 70 -15.24 -39.40 -33.79
CA TRP A 70 -16.21 -40.49 -33.76
C TRP A 70 -17.58 -40.06 -34.31
N ALA A 71 -18.02 -38.86 -33.95
CA ALA A 71 -19.27 -38.34 -34.51
C ALA A 71 -19.20 -38.37 -36.03
N LEU A 72 -18.10 -37.90 -36.60
CA LEU A 72 -17.94 -37.82 -38.06
C LEU A 72 -17.87 -39.23 -38.64
N TYR A 73 -17.21 -40.13 -37.92
CA TYR A 73 -16.97 -41.50 -38.37
C TYR A 73 -18.30 -42.23 -38.50
N GLU A 74 -19.16 -42.08 -37.50
CA GLU A 74 -20.51 -42.66 -37.54
C GLU A 74 -21.49 -41.93 -38.46
N TYR A 75 -21.63 -40.61 -38.31
CA TYR A 75 -22.76 -39.86 -38.88
C TYR A 75 -22.40 -38.71 -39.84
N GLY A 76 -21.12 -38.64 -40.22
CA GLY A 76 -20.67 -37.57 -41.10
C GLY A 76 -21.40 -37.44 -42.43
N ASP A 77 -21.67 -38.58 -43.07
CA ASP A 77 -22.41 -38.63 -44.33
C ASP A 77 -23.89 -38.37 -44.12
N ASP A 78 -24.35 -38.51 -42.88
CA ASP A 78 -25.77 -38.37 -42.56
C ASP A 78 -26.20 -36.96 -42.21
N ILE A 79 -25.28 -36.01 -42.07
CA ILE A 79 -25.63 -34.69 -41.57
C ILE A 79 -25.55 -33.62 -42.66
N GLU A 80 -25.51 -34.06 -43.91
CA GLU A 80 -25.31 -33.12 -45.02
C GLU A 80 -26.37 -32.01 -45.03
N ALA A 81 -27.61 -32.36 -44.73
CA ALA A 81 -28.72 -31.42 -44.64
C ALA A 81 -28.57 -30.37 -43.53
N SER A 82 -27.90 -30.71 -42.43
CA SER A 82 -27.71 -29.72 -41.37
C SER A 82 -26.81 -28.57 -41.85
N GLY A 83 -26.05 -28.81 -42.92
CA GLY A 83 -25.00 -27.90 -43.35
C GLY A 83 -23.81 -27.79 -42.41
N GLN A 84 -23.67 -28.70 -41.44
CA GLN A 84 -22.65 -28.52 -40.40
C GLN A 84 -21.39 -29.37 -40.58
N ARG A 85 -21.36 -30.22 -41.60
CA ARG A 85 -20.25 -31.17 -41.72
C ARG A 85 -18.88 -30.49 -41.80
N LEU A 86 -18.76 -29.47 -42.63
CA LEU A 86 -17.46 -28.84 -42.81
C LEU A 86 -17.09 -28.06 -41.54
N HIS A 87 -18.08 -27.47 -40.87
CA HIS A 87 -17.78 -26.78 -39.60
C HIS A 87 -17.20 -27.76 -38.59
N LEU A 88 -17.79 -28.95 -38.51
CA LEU A 88 -17.31 -29.96 -37.58
C LEU A 88 -15.92 -30.44 -37.96
N GLU A 89 -15.69 -30.70 -39.25
CA GLU A 89 -14.39 -31.19 -39.70
C GLU A 89 -13.28 -30.17 -39.45
N ARG A 90 -13.53 -28.89 -39.74
CA ARG A 90 -12.50 -27.88 -39.52
C ARG A 90 -12.18 -27.71 -38.04
N ASN A 91 -13.22 -27.65 -37.22
CA ASN A 91 -13.02 -27.53 -35.78
C ASN A 91 -12.19 -28.67 -35.22
N LEU A 92 -12.42 -29.89 -35.71
CA LEU A 92 -11.64 -31.05 -35.31
C LEU A 92 -10.17 -30.90 -35.73
N ALA A 93 -9.99 -30.58 -37.01
CA ALA A 93 -8.65 -30.41 -37.56
C ALA A 93 -7.81 -29.44 -36.72
N PHE A 94 -8.43 -28.37 -36.23
CA PHE A 94 -7.72 -27.38 -35.42
C PHE A 94 -7.11 -27.98 -34.15
N ALA A 95 -7.86 -28.85 -33.48
CA ALA A 95 -7.33 -29.54 -32.31
C ALA A 95 -6.28 -30.61 -32.65
N LEU A 96 -6.52 -31.35 -33.73
CA LEU A 96 -5.58 -32.38 -34.13
C LEU A 96 -4.22 -31.77 -34.52
N ASP A 97 -4.24 -30.62 -35.19
CA ASP A 97 -2.97 -29.95 -35.51
C ASP A 97 -2.16 -29.61 -34.25
N TYR A 98 -2.84 -29.22 -33.17
CA TYR A 98 -2.16 -28.95 -31.91
C TYR A 98 -1.51 -30.23 -31.34
N LEU A 99 -2.25 -31.33 -31.42
CA LEU A 99 -1.77 -32.59 -30.87
C LEU A 99 -0.50 -33.00 -31.62
N VAL A 100 -0.47 -32.76 -32.93
CA VAL A 100 0.71 -33.08 -33.73
C VAL A 100 1.86 -32.16 -33.32
N ALA A 101 1.54 -30.88 -33.14
CA ALA A 101 2.56 -29.90 -32.74
C ALA A 101 3.11 -30.15 -31.33
N CYS A 102 2.43 -30.94 -30.52
CA CYS A 102 2.96 -31.32 -29.20
C CYS A 102 4.11 -32.32 -29.24
N ASP A 103 4.41 -32.92 -30.39
CA ASP A 103 5.44 -33.97 -30.46
C ASP A 103 6.82 -33.50 -30.02
N ARG A 104 7.44 -34.25 -29.10
CA ARG A 104 8.84 -34.01 -28.74
C ARG A 104 9.69 -35.28 -28.84
N GLY A 105 9.25 -36.25 -29.64
CA GLY A 105 10.01 -37.44 -29.96
C GLY A 105 9.81 -38.58 -28.97
N ASP A 106 10.53 -38.51 -27.85
CA ASP A 106 10.43 -39.51 -26.80
C ASP A 106 9.42 -39.07 -25.72
N SER A 107 8.72 -37.97 -25.99
CA SER A 107 7.76 -37.44 -25.04
C SER A 107 6.87 -36.44 -25.82
N VAL A 108 5.92 -35.81 -25.13
CA VAL A 108 5.07 -34.80 -25.75
C VAL A 108 4.88 -33.65 -24.77
N VAL A 109 4.54 -32.48 -25.29
CA VAL A 109 3.97 -31.41 -24.46
C VAL A 109 2.57 -31.91 -24.15
N TYR A 110 2.22 -31.99 -22.87
CA TYR A 110 0.92 -32.54 -22.49
C TYR A 110 0.05 -31.54 -21.77
N GLN A 111 0.59 -30.35 -21.55
CA GLN A 111 -0.17 -29.29 -20.88
C GLN A 111 0.46 -27.93 -21.12
N ILE A 112 -0.38 -26.91 -21.31
CA ILE A 112 0.08 -25.52 -21.37
C ILE A 112 -0.69 -24.72 -20.35
N GLY A 113 0.05 -24.05 -19.46
CA GLY A 113 -0.58 -23.31 -18.38
C GLY A 113 -0.59 -24.15 -17.12
N ASP A 114 -0.49 -23.49 -15.98
CA ASP A 114 -0.52 -24.14 -14.66
C ASP A 114 -1.96 -24.01 -14.14
N GLY A 115 -2.61 -25.13 -13.82
CA GLY A 115 -4.00 -25.07 -13.38
C GLY A 115 -4.31 -24.08 -12.25
N ALA A 116 -3.55 -24.16 -11.16
CA ALA A 116 -3.84 -23.28 -10.02
C ALA A 116 -3.57 -21.80 -10.32
N ALA A 117 -2.47 -21.51 -11.02
CA ALA A 117 -2.14 -20.11 -11.33
C ALA A 117 -3.15 -19.50 -12.30
N ASP A 118 -3.46 -20.26 -13.35
CA ASP A 118 -4.41 -19.81 -14.36
C ASP A 118 -5.79 -19.57 -13.75
N HIS A 119 -6.26 -20.50 -12.93
CA HIS A 119 -7.62 -20.35 -12.41
C HIS A 119 -7.82 -19.30 -11.32
N LYS A 120 -6.75 -18.89 -10.64
CA LYS A 120 -6.83 -17.80 -9.65
C LYS A 120 -7.21 -16.47 -10.30
N TRP A 121 -7.08 -16.38 -11.62
CA TRP A 121 -7.29 -15.10 -12.30
C TRP A 121 -8.53 -15.16 -13.18
N TRP A 122 -9.31 -14.07 -13.15
CA TRP A 122 -10.55 -13.96 -13.90
C TRP A 122 -10.41 -12.83 -14.93
N GLY A 123 -10.31 -13.18 -16.21
CA GLY A 123 -10.19 -12.15 -17.25
C GLY A 123 -10.08 -12.84 -18.61
N SER A 124 -9.93 -12.07 -19.68
CA SER A 124 -10.10 -12.66 -21.02
C SER A 124 -8.81 -13.24 -21.58
N ALA A 125 -8.93 -14.28 -22.41
CA ALA A 125 -7.77 -14.99 -22.94
C ALA A 125 -6.75 -14.08 -23.59
N GLU A 126 -7.22 -13.08 -24.34
CA GLU A 126 -6.32 -12.23 -25.14
C GLU A 126 -5.37 -11.35 -24.32
N VAL A 127 -5.64 -11.18 -23.03
CA VAL A 127 -4.80 -10.33 -22.18
C VAL A 127 -4.06 -11.09 -21.08
N ILE A 128 -4.15 -12.42 -21.06
CA ILE A 128 -3.58 -13.19 -19.95
C ILE A 128 -2.06 -13.08 -19.81
N GLU A 129 -1.36 -12.88 -20.93
CA GLU A 129 0.09 -12.79 -20.86
C GLU A 129 0.58 -11.49 -20.19
N LYS A 130 -0.31 -10.52 -20.00
CA LYS A 130 0.05 -9.33 -19.20
C LYS A 130 -0.03 -9.65 -17.72
N GLU A 131 -0.81 -10.68 -17.36
CA GLU A 131 -1.01 -11.07 -15.97
C GLU A 131 0.00 -12.09 -15.49
N MET A 132 0.43 -13.00 -16.37
CA MET A 132 1.27 -14.12 -15.95
C MET A 132 2.02 -14.72 -17.13
N THR A 133 3.06 -15.48 -16.81
CA THR A 133 3.88 -16.16 -17.80
C THR A 133 3.50 -17.63 -17.69
N ARG A 134 3.14 -18.24 -18.82
CA ARG A 134 2.59 -19.59 -18.83
C ARG A 134 3.64 -20.68 -19.05
N PRO A 135 3.70 -21.66 -18.14
CA PRO A 135 4.63 -22.77 -18.35
C PRO A 135 4.04 -23.80 -19.30
N TYR A 136 4.89 -24.76 -19.68
CA TYR A 136 4.43 -25.94 -20.39
C TYR A 136 5.00 -27.15 -19.67
N PHE A 137 4.47 -28.34 -19.98
CA PHE A 137 4.80 -29.57 -19.29
C PHE A 137 5.00 -30.66 -20.33
N VAL A 138 6.09 -31.41 -20.16
CA VAL A 138 6.48 -32.48 -21.08
C VAL A 138 6.48 -33.78 -20.29
N GLY A 139 6.06 -34.86 -20.96
CA GLY A 139 6.11 -36.18 -20.36
C GLY A 139 5.63 -37.24 -21.34
N LYS A 140 5.41 -38.44 -20.82
CA LYS A 140 5.03 -39.56 -21.68
C LYS A 140 3.97 -40.44 -21.01
N GLY A 141 3.10 -39.81 -20.22
CA GLY A 141 2.05 -40.54 -19.52
C GLY A 141 1.24 -41.36 -20.50
N SER A 142 1.10 -42.66 -20.24
CA SER A 142 0.40 -43.55 -21.16
C SER A 142 -1.06 -43.15 -21.42
N ALA A 143 -1.76 -42.67 -20.40
CA ALA A 143 -3.16 -42.27 -20.61
C ALA A 143 -3.26 -41.06 -21.54
N VAL A 144 -2.49 -40.02 -21.24
CA VAL A 144 -2.59 -38.82 -22.06
C VAL A 144 -2.03 -39.03 -23.46
N VAL A 145 -0.89 -39.71 -23.57
CA VAL A 145 -0.33 -39.96 -24.89
C VAL A 145 -1.23 -40.94 -25.67
N GLY A 146 -1.78 -41.92 -24.98
CA GLY A 146 -2.71 -42.87 -25.62
C GLY A 146 -3.96 -42.18 -26.13
N GLN A 147 -4.51 -41.24 -25.36
CA GLN A 147 -5.67 -40.47 -25.83
C GLN A 147 -5.36 -39.60 -27.04
N MET A 148 -4.21 -38.91 -27.00
CA MET A 148 -3.72 -38.20 -28.19
C MET A 148 -3.63 -39.13 -29.39
N ALA A 149 -3.14 -40.35 -29.19
CA ALA A 149 -3.06 -41.31 -30.31
C ALA A 149 -4.43 -41.67 -30.88
N ALA A 150 -5.39 -41.93 -30.00
CA ALA A 150 -6.75 -42.27 -30.43
C ALA A 150 -7.37 -41.14 -31.25
N ALA A 151 -7.27 -39.90 -30.76
CA ALA A 151 -7.84 -38.73 -31.43
C ALA A 151 -7.25 -38.60 -32.83
N LEU A 152 -5.93 -38.78 -32.94
CA LEU A 152 -5.27 -38.68 -34.24
C LEU A 152 -5.61 -39.86 -35.15
N ALA A 153 -5.82 -41.04 -34.57
CA ALA A 153 -6.23 -42.21 -35.38
C ALA A 153 -7.61 -42.04 -36.02
N VAL A 154 -8.63 -41.74 -35.21
CA VAL A 154 -9.95 -41.48 -35.80
C VAL A 154 -9.90 -40.24 -36.70
N GLY A 155 -9.19 -39.20 -36.26
CA GLY A 155 -8.97 -38.03 -37.10
C GLY A 155 -8.42 -38.38 -38.48
N SER A 156 -7.47 -39.32 -38.53
CA SER A 156 -6.86 -39.68 -39.80
C SER A 156 -7.89 -40.32 -40.75
N ILE A 157 -8.84 -41.07 -40.20
CA ILE A 157 -9.88 -41.71 -41.00
C ILE A 157 -10.83 -40.65 -41.57
N VAL A 158 -11.43 -39.86 -40.69
CA VAL A 158 -12.50 -38.94 -41.10
C VAL A 158 -12.04 -37.71 -41.87
N LEU A 159 -10.77 -37.34 -41.70
CA LEU A 159 -10.19 -36.22 -42.45
C LEU A 159 -9.20 -36.72 -43.50
N LYS A 160 -9.17 -38.03 -43.73
CA LYS A 160 -8.28 -38.65 -44.73
C LYS A 160 -6.89 -38.04 -44.74
N ASN A 161 -6.20 -38.14 -43.60
CA ASN A 161 -4.97 -37.42 -43.39
C ASN A 161 -3.86 -38.35 -42.90
N ASP A 162 -2.86 -38.56 -43.75
CA ASP A 162 -1.80 -39.50 -43.43
C ASP A 162 -0.85 -38.98 -42.34
N THR A 163 -0.71 -37.67 -42.22
CA THR A 163 0.09 -37.06 -41.17
C THR A 163 -0.53 -37.39 -39.80
N TYR A 164 -1.84 -37.21 -39.67
CA TYR A 164 -2.51 -37.61 -38.43
C TYR A 164 -2.25 -39.08 -38.08
N LEU A 165 -2.38 -39.97 -39.05
CA LEU A 165 -2.13 -41.38 -38.81
C LEU A 165 -0.69 -41.67 -38.38
N ARG A 166 0.28 -41.06 -39.06
CA ARG A 166 1.70 -41.16 -38.72
C ARG A 166 1.91 -40.86 -37.23
N TYR A 167 1.34 -39.75 -36.77
CA TYR A 167 1.51 -39.32 -35.39
C TYR A 167 0.74 -40.23 -34.42
N ALA A 168 -0.42 -40.73 -34.84
CA ALA A 168 -1.20 -41.65 -34.03
C ALA A 168 -0.36 -42.89 -33.71
N LYS A 169 0.33 -43.42 -34.72
CA LYS A 169 1.18 -44.62 -34.56
C LYS A 169 2.36 -44.33 -33.64
N LYS A 170 2.98 -43.17 -33.84
CA LYS A 170 4.11 -42.71 -33.03
C LYS A 170 3.68 -42.56 -31.57
N TYR A 171 2.55 -41.90 -31.35
CA TYR A 171 2.07 -41.73 -29.98
C TYR A 171 1.66 -43.08 -29.37
N PHE A 172 0.99 -43.94 -30.13
CA PHE A 172 0.58 -45.22 -29.54
C PHE A 172 1.81 -46.03 -29.13
N GLU A 173 2.82 -46.06 -30.01
CA GLU A 173 4.05 -46.79 -29.70
C GLU A 173 4.69 -46.27 -28.42
N LEU A 174 4.71 -44.95 -28.22
CA LEU A 174 5.27 -44.36 -27.01
C LEU A 174 4.48 -44.74 -25.76
N ALA A 175 3.16 -44.64 -25.86
CA ALA A 175 2.27 -44.95 -24.72
C ALA A 175 2.35 -46.42 -24.32
N ASP A 176 2.35 -47.29 -25.32
CA ASP A 176 2.39 -48.74 -25.10
C ASP A 176 3.75 -49.22 -24.58
N ALA A 177 4.83 -48.55 -24.96
CA ALA A 177 6.16 -48.88 -24.46
C ALA A 177 6.30 -48.38 -23.03
N THR A 178 5.72 -47.23 -22.74
CA THR A 178 5.89 -46.57 -21.43
C THR A 178 5.11 -47.28 -20.32
N ARG A 179 3.85 -47.61 -20.61
CA ARG A 179 2.98 -48.30 -19.65
C ARG A 179 3.07 -47.75 -18.23
N SER A 180 2.90 -46.44 -18.15
CA SER A 180 2.99 -45.72 -16.88
C SER A 180 2.40 -44.32 -17.00
N ASP A 181 1.70 -43.93 -15.95
CA ASP A 181 1.24 -42.55 -15.79
C ASP A 181 2.13 -41.70 -14.88
N SER A 182 3.32 -42.17 -14.54
CA SER A 182 4.10 -41.47 -13.52
C SER A 182 4.62 -40.11 -13.98
N THR A 183 4.78 -39.91 -15.29
CA THR A 183 5.25 -38.61 -15.77
C THR A 183 4.06 -37.70 -16.11
N TYR A 184 2.84 -38.13 -15.78
CA TYR A 184 1.65 -37.32 -15.97
C TYR A 184 1.26 -36.78 -14.61
N THR A 185 1.66 -35.55 -14.31
CA THR A 185 1.44 -34.98 -12.98
C THR A 185 0.85 -33.57 -13.00
N ALA A 186 1.08 -32.81 -14.07
CA ALA A 186 0.74 -31.38 -14.06
C ALA A 186 -0.76 -31.09 -13.99
N ALA A 187 -1.61 -32.05 -14.34
CA ALA A 187 -3.06 -31.89 -14.27
C ALA A 187 -3.67 -32.46 -12.99
N ASN A 188 -2.84 -32.93 -12.07
CA ASN A 188 -3.34 -33.63 -10.88
C ASN A 188 -4.30 -32.74 -10.09
N GLY A 189 -5.46 -33.28 -9.73
CA GLY A 189 -6.49 -32.47 -9.08
C GLY A 189 -7.50 -31.86 -10.05
N PHE A 190 -7.11 -31.67 -11.31
CA PHE A 190 -8.03 -31.20 -12.34
C PHE A 190 -8.45 -32.37 -13.23
N TYR A 191 -7.45 -33.03 -13.81
CA TYR A 191 -7.63 -34.20 -14.66
C TYR A 191 -6.62 -35.31 -14.30
N SER A 192 -6.60 -35.69 -13.03
CA SER A 192 -5.79 -36.84 -12.58
C SER A 192 -6.22 -38.10 -13.32
N SER A 193 -5.28 -39.01 -13.55
CA SER A 193 -5.65 -40.27 -14.17
C SER A 193 -6.22 -41.13 -13.05
N HIS A 194 -7.52 -41.39 -13.07
CA HIS A 194 -8.17 -42.14 -11.99
C HIS A 194 -8.20 -43.64 -12.32
N SER A 195 -8.61 -43.96 -13.55
CA SER A 195 -8.74 -45.34 -13.97
C SER A 195 -7.43 -46.03 -14.35
N GLY A 196 -6.33 -45.28 -14.49
CA GLY A 196 -5.13 -45.85 -15.08
C GLY A 196 -5.13 -45.73 -16.59
N PHE A 197 -4.16 -46.38 -17.25
CA PHE A 197 -3.92 -46.14 -18.67
C PHE A 197 -4.33 -47.28 -19.59
N TRP A 198 -4.75 -48.42 -19.03
CA TRP A 198 -5.04 -49.58 -19.88
C TRP A 198 -6.24 -49.29 -20.78
N ASP A 199 -7.20 -48.51 -20.29
CA ASP A 199 -8.32 -48.16 -21.17
C ASP A 199 -7.92 -47.26 -22.34
N GLU A 200 -6.99 -46.34 -22.13
CA GLU A 200 -6.52 -45.50 -23.24
C GLU A 200 -5.73 -46.32 -24.26
N LEU A 201 -4.95 -47.30 -23.81
CA LEU A 201 -4.25 -48.15 -24.78
C LEU A 201 -5.27 -48.97 -25.58
N LEU A 202 -6.31 -49.44 -24.90
CA LEU A 202 -7.43 -50.16 -25.55
C LEU A 202 -8.16 -49.27 -26.57
N TRP A 203 -8.48 -48.04 -26.19
CA TRP A 203 -9.13 -47.07 -27.08
C TRP A 203 -8.27 -46.71 -28.29
N ALA A 204 -7.00 -46.38 -28.04
CA ALA A 204 -6.04 -46.06 -29.11
C ALA A 204 -5.82 -47.23 -30.08
N SER A 205 -5.58 -48.43 -29.55
CA SER A 205 -5.34 -49.59 -30.41
C SER A 205 -6.56 -49.96 -31.24
N THR A 206 -7.74 -49.76 -30.67
CA THR A 206 -8.99 -50.04 -31.38
C THR A 206 -9.12 -49.09 -32.56
N TRP A 207 -8.89 -47.80 -32.29
CA TRP A 207 -9.01 -46.82 -33.35
C TRP A 207 -7.90 -47.00 -34.40
N LEU A 208 -6.69 -47.34 -33.97
CA LEU A 208 -5.62 -47.65 -34.94
C LEU A 208 -5.95 -48.88 -35.76
N TYR A 209 -6.61 -49.86 -35.14
CA TYR A 209 -7.09 -50.99 -35.91
C TYR A 209 -8.10 -50.54 -36.97
N LEU A 210 -9.07 -49.73 -36.56
CA LEU A 210 -10.05 -49.21 -37.50
C LEU A 210 -9.46 -48.30 -38.59
N ALA A 211 -8.35 -47.63 -38.29
CA ALA A 211 -7.67 -46.77 -39.25
C ALA A 211 -6.81 -47.54 -40.26
N THR A 212 -6.25 -48.68 -39.85
CA THR A 212 -5.26 -49.37 -40.66
C THR A 212 -5.69 -50.75 -41.14
N GLY A 213 -6.54 -51.44 -40.38
CA GLY A 213 -6.78 -52.87 -40.59
C GLY A 213 -5.61 -53.80 -40.27
N ASP A 214 -4.58 -53.29 -39.60
CA ASP A 214 -3.44 -54.09 -39.20
C ASP A 214 -3.80 -54.91 -37.95
N ARG A 215 -3.80 -56.22 -38.11
CA ARG A 215 -4.24 -57.12 -37.06
C ARG A 215 -3.42 -57.01 -35.77
N ASN A 216 -2.18 -56.54 -35.86
CA ASN A 216 -1.41 -56.35 -34.64
C ASN A 216 -2.07 -55.41 -33.64
N TYR A 217 -2.79 -54.40 -34.13
CA TYR A 217 -3.50 -53.46 -33.27
C TYR A 217 -4.73 -54.13 -32.64
N LEU A 218 -5.42 -54.99 -33.38
CA LEU A 218 -6.56 -55.71 -32.80
C LEU A 218 -6.09 -56.66 -31.71
N ASP A 219 -4.99 -57.36 -31.99
CA ASP A 219 -4.36 -58.26 -31.03
C ASP A 219 -3.99 -57.51 -29.76
N LYS A 220 -3.37 -56.33 -29.92
CA LYS A 220 -3.10 -55.48 -28.76
C LYS A 220 -4.39 -55.19 -28.00
N ALA A 221 -5.41 -54.72 -28.72
CA ALA A 221 -6.67 -54.29 -28.09
C ALA A 221 -7.24 -55.40 -27.22
N GLU A 222 -7.33 -56.60 -27.81
CA GLU A 222 -7.87 -57.75 -27.11
C GLU A 222 -7.00 -58.16 -25.93
N SER A 223 -5.69 -57.98 -26.05
CA SER A 223 -4.80 -58.29 -24.93
C SER A 223 -4.99 -57.36 -23.72
N TYR A 224 -5.57 -56.19 -23.91
CA TYR A 224 -5.73 -55.24 -22.80
C TYR A 224 -6.94 -55.50 -21.92
N THR A 225 -7.92 -56.24 -22.42
CA THR A 225 -9.18 -56.35 -21.70
C THR A 225 -9.06 -57.02 -20.32
N PRO A 226 -8.18 -58.03 -20.15
CA PRO A 226 -7.93 -58.53 -18.81
C PRO A 226 -7.25 -57.53 -17.87
N LYS A 227 -6.67 -56.46 -18.40
CA LYS A 227 -6.00 -55.45 -17.57
C LYS A 227 -6.95 -54.33 -17.13
N LEU A 228 -8.17 -54.33 -17.67
CA LEU A 228 -9.13 -53.28 -17.33
C LEU A 228 -9.60 -53.45 -15.89
N ASN A 229 -10.04 -52.37 -15.26
CA ASN A 229 -10.51 -52.47 -13.88
C ASN A 229 -11.77 -53.30 -13.82
N ARG A 230 -11.98 -53.99 -12.70
CA ARG A 230 -13.14 -54.85 -12.49
C ARG A 230 -14.29 -54.08 -11.83
N GLN A 231 -15.51 -54.57 -12.00
CA GLN A 231 -16.64 -54.03 -11.25
C GLN A 231 -16.60 -54.54 -9.82
N ASN A 232 -16.30 -53.63 -8.88
CA ASN A 232 -16.19 -53.94 -7.46
C ASN A 232 -15.28 -55.15 -7.21
N GLN A 233 -15.76 -56.15 -6.48
CA GLN A 233 -14.96 -57.35 -6.22
C GLN A 233 -15.37 -58.53 -7.10
N THR A 234 -15.98 -58.23 -8.24
CA THR A 234 -16.35 -59.27 -9.20
C THR A 234 -15.31 -59.42 -10.30
N THR A 235 -15.59 -60.33 -11.22
CA THR A 235 -14.67 -60.59 -12.32
C THR A 235 -15.19 -59.88 -13.57
N ASP A 236 -16.31 -59.17 -13.46
CA ASP A 236 -16.84 -58.41 -14.58
C ASP A 236 -15.94 -57.20 -14.82
N ILE A 237 -15.80 -56.80 -16.08
CA ILE A 237 -15.17 -55.53 -16.39
C ILE A 237 -16.03 -54.40 -15.82
N GLU A 238 -15.43 -53.39 -15.20
CA GLU A 238 -16.19 -52.24 -14.72
C GLU A 238 -17.16 -51.68 -15.77
N TYR A 239 -18.42 -51.51 -15.37
CA TYR A 239 -19.44 -50.98 -16.28
C TYR A 239 -20.26 -49.84 -15.68
N GLN A 240 -20.12 -49.60 -14.39
CA GLN A 240 -20.98 -48.65 -13.68
C GLN A 240 -20.38 -47.25 -13.64
N TRP A 241 -20.14 -46.73 -14.83
CA TRP A 241 -19.62 -45.38 -14.99
C TRP A 241 -19.94 -44.97 -16.42
N ALA A 242 -19.47 -43.79 -16.80
CA ALA A 242 -19.63 -43.26 -18.15
C ALA A 242 -18.32 -43.30 -18.91
N HIS A 243 -18.46 -43.51 -20.23
CA HIS A 243 -17.46 -43.10 -21.20
C HIS A 243 -17.15 -41.62 -20.96
N CYS A 244 -15.87 -41.29 -20.79
CA CYS A 244 -15.48 -39.94 -20.43
C CYS A 244 -13.99 -39.71 -20.63
N TRP A 245 -13.57 -38.47 -20.37
CA TRP A 245 -12.19 -38.07 -20.62
C TRP A 245 -11.16 -38.97 -19.92
N ASP A 246 -11.54 -39.59 -18.81
CA ASP A 246 -10.65 -40.44 -18.01
C ASP A 246 -10.67 -41.90 -18.42
N ASP A 247 -11.73 -42.31 -19.11
CA ASP A 247 -12.00 -43.74 -19.28
C ASP A 247 -12.91 -43.98 -20.48
N CYS A 248 -12.29 -44.50 -21.55
CA CYS A 248 -12.96 -44.70 -22.82
C CYS A 248 -13.15 -46.17 -23.13
N HIS A 249 -12.98 -47.05 -22.15
CA HIS A 249 -13.14 -48.49 -22.46
C HIS A 249 -14.56 -48.85 -22.84
N TYR A 250 -15.54 -48.09 -22.36
CA TYR A 250 -16.95 -48.28 -22.72
C TYR A 250 -17.14 -48.15 -24.23
N GLY A 251 -16.69 -47.04 -24.82
CA GLY A 251 -16.82 -46.83 -26.26
C GLY A 251 -15.98 -47.84 -27.02
N ALA A 252 -14.79 -48.13 -26.52
CA ALA A 252 -13.93 -49.12 -27.18
C ALA A 252 -14.64 -50.49 -27.23
N MET A 253 -15.32 -50.89 -26.16
CA MET A 253 -15.95 -52.22 -26.18
C MET A 253 -17.10 -52.26 -27.19
N ILE A 254 -17.85 -51.18 -27.29
CA ILE A 254 -18.87 -51.05 -28.33
C ILE A 254 -18.28 -51.18 -29.74
N LEU A 255 -17.18 -50.49 -30.00
CA LEU A 255 -16.50 -50.60 -31.29
C LEU A 255 -16.01 -52.01 -31.59
N LEU A 256 -15.48 -52.69 -30.58
CA LEU A 256 -14.98 -54.06 -30.73
C LEU A 256 -16.11 -55.08 -30.93
N ALA A 257 -17.22 -54.85 -30.24
CA ALA A 257 -18.42 -55.67 -30.40
C ALA A 257 -18.82 -55.68 -31.87
N ARG A 258 -18.87 -54.50 -32.46
CA ARG A 258 -19.21 -54.32 -33.86
C ARG A 258 -18.14 -54.83 -34.84
N ALA A 259 -16.87 -54.56 -34.57
CA ALA A 259 -15.78 -55.05 -35.41
C ALA A 259 -15.61 -56.57 -35.37
N THR A 260 -15.81 -57.19 -34.21
CA THR A 260 -15.43 -58.60 -34.08
C THR A 260 -16.66 -59.51 -34.04
N GLY A 261 -17.81 -58.97 -33.66
CA GLY A 261 -19.01 -59.78 -33.48
C GLY A 261 -18.92 -60.76 -32.31
N LYS A 262 -17.99 -60.54 -31.38
CA LYS A 262 -17.82 -61.45 -30.25
C LYS A 262 -18.86 -61.27 -29.16
N GLU A 263 -19.39 -62.39 -28.67
CA GLU A 263 -20.40 -62.38 -27.62
C GLU A 263 -19.94 -61.64 -26.35
N GLU A 264 -18.69 -61.83 -25.94
CA GLU A 264 -18.17 -61.18 -24.73
C GLU A 264 -18.38 -59.65 -24.82
N TYR A 265 -18.14 -59.05 -25.98
CA TYR A 265 -18.17 -57.61 -26.12
C TYR A 265 -19.59 -57.07 -26.14
N HIS A 266 -20.48 -57.81 -26.80
CA HIS A 266 -21.90 -57.51 -26.78
C HIS A 266 -22.48 -57.60 -25.38
N LYS A 267 -22.06 -58.61 -24.64
CA LYS A 267 -22.52 -58.79 -23.26
C LYS A 267 -22.12 -57.58 -22.42
N PHE A 268 -20.87 -57.13 -22.58
CA PHE A 268 -20.39 -55.98 -21.81
C PHE A 268 -21.22 -54.76 -22.16
N ALA A 269 -21.37 -54.50 -23.46
CA ALA A 269 -22.09 -53.33 -23.95
C ALA A 269 -23.51 -53.26 -23.43
N GLN A 270 -24.21 -54.41 -23.48
CA GLN A 270 -25.58 -54.47 -22.99
C GLN A 270 -25.68 -54.33 -21.47
N MET A 271 -24.73 -54.89 -20.73
CA MET A 271 -24.65 -54.70 -19.28
C MET A 271 -24.50 -53.22 -18.94
N HIS A 272 -23.49 -52.61 -19.55
CA HIS A 272 -23.17 -51.20 -19.35
C HIS A 272 -24.37 -50.32 -19.72
N LEU A 273 -24.89 -50.47 -20.92
CA LEU A 273 -25.99 -49.60 -21.35
C LEU A 273 -27.28 -49.81 -20.54
N ASP A 274 -27.58 -51.07 -20.21
CA ASP A 274 -28.71 -51.35 -19.31
C ASP A 274 -28.63 -50.61 -17.97
N TRP A 275 -27.45 -50.62 -17.35
CA TRP A 275 -27.21 -49.89 -16.10
C TRP A 275 -27.57 -48.40 -16.21
N TRP A 276 -27.35 -47.82 -17.39
CA TRP A 276 -27.75 -46.45 -17.70
C TRP A 276 -29.25 -46.20 -17.96
N THR A 277 -29.98 -47.22 -18.40
CA THR A 277 -31.40 -47.09 -18.73
C THR A 277 -32.28 -47.06 -17.47
N PRO A 278 -33.51 -46.54 -17.59
CA PRO A 278 -34.38 -46.50 -16.42
C PRO A 278 -34.73 -47.87 -15.83
N GLN A 279 -34.69 -48.94 -16.62
CA GLN A 279 -34.97 -50.29 -16.12
C GLN A 279 -33.76 -50.90 -15.41
N GLY A 280 -32.55 -50.40 -15.66
CA GLY A 280 -31.38 -50.88 -14.96
C GLY A 280 -30.89 -52.25 -15.43
N TYR A 281 -29.88 -52.78 -14.75
CA TYR A 281 -29.33 -54.09 -15.01
C TYR A 281 -29.42 -54.90 -13.73
N ASN A 282 -30.42 -55.78 -13.65
CA ASN A 282 -30.58 -56.71 -12.54
C ASN A 282 -30.54 -56.01 -11.18
N GLY A 283 -31.30 -54.94 -11.05
CA GLY A 283 -31.44 -54.23 -9.78
C GLY A 283 -30.40 -53.13 -9.52
N LYS A 284 -29.49 -52.93 -10.46
CA LYS A 284 -28.41 -51.94 -10.36
C LYS A 284 -28.63 -50.90 -11.45
N ARG A 285 -28.46 -49.64 -11.10
CA ARG A 285 -28.76 -48.54 -12.03
C ARG A 285 -28.07 -47.25 -11.60
N VAL A 286 -27.65 -46.45 -12.58
CA VAL A 286 -27.16 -45.10 -12.32
C VAL A 286 -28.28 -44.31 -11.62
N ALA A 287 -27.91 -43.37 -10.77
CA ALA A 287 -28.92 -42.47 -10.18
C ALA A 287 -29.60 -41.68 -11.29
N TYR A 288 -30.90 -41.44 -11.09
CA TYR A 288 -31.72 -40.61 -11.97
C TYR A 288 -32.35 -39.48 -11.16
N THR A 289 -32.44 -38.30 -11.75
CA THR A 289 -33.24 -37.23 -11.11
C THR A 289 -34.72 -37.59 -11.23
N PRO A 290 -35.57 -36.97 -10.39
CA PRO A 290 -37.01 -37.15 -10.58
C PRO A 290 -37.49 -36.78 -11.96
N GLY A 291 -36.80 -35.82 -12.60
CA GLY A 291 -37.18 -35.34 -13.92
C GLY A 291 -36.73 -36.25 -15.04
N GLY A 292 -36.00 -37.31 -14.72
CA GLY A 292 -35.60 -38.29 -15.73
C GLY A 292 -34.23 -38.12 -16.36
N LEU A 293 -33.37 -37.32 -15.72
CA LEU A 293 -31.98 -37.22 -16.17
C LEU A 293 -31.08 -38.25 -15.46
N ALA A 294 -30.32 -39.05 -16.23
CA ALA A 294 -29.32 -39.91 -15.62
C ALA A 294 -28.25 -39.04 -14.99
N HIS A 295 -28.06 -39.17 -13.68
CA HIS A 295 -27.24 -38.22 -12.93
C HIS A 295 -26.07 -38.93 -12.25
N LEU A 296 -24.92 -39.01 -12.94
CA LEU A 296 -23.86 -39.92 -12.52
C LEU A 296 -23.12 -39.37 -11.31
N ASP A 297 -22.91 -38.06 -11.28
CA ASP A 297 -22.06 -37.43 -10.27
C ASP A 297 -22.43 -35.96 -10.20
N THR A 298 -21.98 -35.32 -9.13
CA THR A 298 -22.10 -33.88 -8.97
C THR A 298 -21.58 -33.07 -10.16
N TRP A 299 -20.41 -33.43 -10.65
CA TRP A 299 -19.75 -32.67 -11.72
C TRP A 299 -20.31 -33.06 -13.09
N GLY A 300 -20.67 -32.07 -13.91
CA GLY A 300 -21.04 -32.34 -15.31
C GLY A 300 -21.95 -33.53 -15.53
N PRO A 301 -23.08 -33.58 -14.81
CA PRO A 301 -24.04 -34.65 -15.07
C PRO A 301 -24.57 -34.65 -16.51
N LEU A 302 -24.80 -33.48 -17.10
CA LEU A 302 -25.30 -33.44 -18.48
C LEU A 302 -24.27 -34.03 -19.44
N ARG A 303 -22.99 -33.71 -19.20
CA ARG A 303 -21.88 -34.25 -19.98
C ARG A 303 -21.88 -35.78 -20.01
N TYR A 304 -22.03 -36.40 -18.84
CA TYR A 304 -22.00 -37.85 -18.79
C TYR A 304 -23.21 -38.47 -19.50
N ALA A 305 -24.39 -37.90 -19.29
CA ALA A 305 -25.61 -38.51 -19.80
C ALA A 305 -25.69 -38.34 -21.31
N THR A 306 -25.29 -37.18 -21.81
CA THR A 306 -25.28 -36.96 -23.26
C THR A 306 -24.20 -37.77 -23.99
N THR A 307 -23.04 -37.99 -23.37
CA THR A 307 -22.05 -38.91 -23.93
C THR A 307 -22.61 -40.34 -24.00
N GLU A 308 -23.24 -40.79 -22.91
CA GLU A 308 -23.88 -42.11 -22.95
C GLU A 308 -24.98 -42.22 -24.00
N ALA A 309 -25.69 -41.12 -24.25
CA ALA A 309 -26.71 -41.09 -25.30
C ALA A 309 -26.08 -41.41 -26.65
N PHE A 310 -24.93 -40.79 -26.91
CA PHE A 310 -24.21 -41.06 -28.16
C PHE A 310 -23.80 -42.53 -28.26
N LEU A 311 -23.19 -43.07 -27.20
CA LEU A 311 -22.86 -44.50 -27.21
C LEU A 311 -24.07 -45.41 -27.44
N ALA A 312 -25.18 -45.07 -26.80
CA ALA A 312 -26.41 -45.87 -26.91
C ALA A 312 -26.92 -45.82 -28.36
N PHE A 313 -26.90 -44.64 -28.97
CA PHE A 313 -27.25 -44.50 -30.38
C PHE A 313 -26.39 -45.39 -31.27
N VAL A 314 -25.08 -45.37 -31.04
CA VAL A 314 -24.12 -46.11 -31.87
C VAL A 314 -24.36 -47.60 -31.71
N TYR A 315 -24.55 -48.04 -30.47
CA TYR A 315 -24.76 -49.46 -30.22
C TYR A 315 -26.10 -49.91 -30.84
N ALA A 316 -27.17 -49.16 -30.56
CA ALA A 316 -28.50 -49.45 -31.10
C ALA A 316 -28.51 -49.53 -32.62
N ASP A 317 -27.77 -48.63 -33.28
CA ASP A 317 -27.67 -48.63 -34.73
C ASP A 317 -26.89 -49.83 -35.25
N SER A 318 -26.11 -50.48 -34.41
CA SER A 318 -25.29 -51.56 -34.90
C SER A 318 -25.84 -52.97 -34.60
N ILE A 319 -27.00 -53.06 -33.96
CA ILE A 319 -27.62 -54.36 -33.63
C ILE A 319 -28.99 -54.51 -34.29
N ASN A 320 -29.58 -55.70 -34.25
CA ASN A 320 -30.88 -55.96 -34.88
C ASN A 320 -32.10 -56.14 -33.99
N ASP A 321 -31.87 -56.66 -32.78
CA ASP A 321 -32.92 -56.90 -31.79
C ASP A 321 -33.79 -55.66 -31.56
N PRO A 322 -35.08 -55.73 -31.94
CA PRO A 322 -35.87 -54.50 -31.89
C PRO A 322 -36.21 -54.05 -30.46
N ALA A 323 -36.32 -54.98 -29.51
CA ALA A 323 -36.53 -54.59 -28.12
C ALA A 323 -35.37 -53.74 -27.57
N LEU A 324 -34.14 -54.23 -27.72
CA LEU A 324 -32.93 -53.53 -27.33
C LEU A 324 -32.76 -52.19 -28.04
N LYS A 325 -32.88 -52.21 -29.38
CA LYS A 325 -32.77 -50.99 -30.17
C LYS A 325 -33.66 -49.87 -29.63
N GLN A 326 -34.91 -50.22 -29.31
CA GLN A 326 -35.88 -49.25 -28.84
C GLN A 326 -35.56 -48.77 -27.43
N LYS A 327 -35.18 -49.68 -26.54
CA LYS A 327 -34.83 -49.29 -25.18
C LYS A 327 -33.67 -48.29 -25.24
N TYR A 328 -32.67 -48.58 -26.06
CA TYR A 328 -31.44 -47.76 -26.09
C TYR A 328 -31.67 -46.42 -26.77
N TYR A 329 -32.41 -46.42 -27.87
CA TYR A 329 -32.81 -45.20 -28.56
C TYR A 329 -33.64 -44.27 -27.67
N ASN A 330 -34.62 -44.84 -26.98
CA ASN A 330 -35.45 -44.04 -26.08
C ASN A 330 -34.62 -43.40 -24.97
N PHE A 331 -33.71 -44.19 -24.39
CA PHE A 331 -32.77 -43.66 -23.40
C PHE A 331 -31.99 -42.47 -23.99
N ALA A 332 -31.36 -42.69 -25.15
CA ALA A 332 -30.47 -41.69 -25.74
C ALA A 332 -31.22 -40.41 -26.00
N LYS A 333 -32.36 -40.55 -26.67
CA LYS A 333 -33.16 -39.38 -27.03
C LYS A 333 -33.68 -38.66 -25.80
N SER A 334 -34.06 -39.39 -24.76
CA SER A 334 -34.60 -38.70 -23.59
C SER A 334 -33.52 -37.84 -22.92
N GLN A 335 -32.28 -38.31 -22.92
CA GLN A 335 -31.23 -37.52 -22.26
C GLN A 335 -30.89 -36.25 -23.01
N ILE A 336 -30.85 -36.34 -24.34
CA ILE A 336 -30.57 -35.15 -25.14
C ILE A 336 -31.74 -34.17 -25.00
N ASP A 337 -32.96 -34.72 -25.08
CA ASP A 337 -34.13 -33.85 -24.97
C ASP A 337 -34.21 -33.18 -23.60
N TYR A 338 -33.81 -33.88 -22.54
CA TYR A 338 -33.71 -33.21 -21.23
C TYR A 338 -32.79 -31.98 -21.30
N ALA A 339 -31.61 -32.15 -21.88
CA ALA A 339 -30.62 -31.07 -21.99
C ALA A 339 -31.15 -29.88 -22.81
N LEU A 340 -31.99 -30.15 -23.80
CA LEU A 340 -32.53 -29.13 -24.69
C LEU A 340 -33.77 -28.41 -24.15
N GLY A 341 -34.44 -29.00 -23.16
CA GLY A 341 -35.58 -28.35 -22.51
C GLY A 341 -36.67 -29.25 -21.97
N SER A 342 -36.57 -30.58 -22.14
CA SER A 342 -37.63 -31.45 -21.65
C SER A 342 -37.33 -31.87 -20.21
N ASN A 343 -37.53 -30.92 -19.29
CA ASN A 343 -37.15 -31.11 -17.90
C ASN A 343 -38.13 -30.35 -17.00
N PRO A 344 -38.04 -30.53 -15.66
CA PRO A 344 -39.00 -29.88 -14.77
C PRO A 344 -39.09 -28.35 -14.90
N ASP A 345 -38.05 -27.71 -15.41
CA ASP A 345 -38.10 -26.27 -15.67
C ASP A 345 -38.42 -25.88 -17.11
N ASN A 346 -38.64 -26.84 -17.99
CA ASN A 346 -38.85 -26.55 -19.41
C ASN A 346 -37.77 -25.68 -20.04
N ARG A 347 -36.55 -25.74 -19.49
CA ARG A 347 -35.51 -24.83 -19.94
C ARG A 347 -34.31 -25.53 -20.60
N SER A 348 -33.78 -24.90 -21.64
CA SER A 348 -32.55 -25.32 -22.29
C SER A 348 -31.38 -25.19 -21.33
N TYR A 349 -30.49 -26.17 -21.37
CA TYR A 349 -29.24 -26.10 -20.63
C TYR A 349 -28.08 -25.84 -21.61
N VAL A 350 -28.41 -25.40 -22.81
CA VAL A 350 -27.43 -25.08 -23.86
C VAL A 350 -27.43 -23.57 -24.06
N VAL A 351 -26.31 -22.93 -23.73
CA VAL A 351 -26.22 -21.46 -23.84
C VAL A 351 -26.62 -20.99 -25.24
N GLY A 352 -27.48 -19.97 -25.28
CA GLY A 352 -27.90 -19.35 -26.54
C GLY A 352 -28.82 -20.18 -27.41
N PHE A 353 -29.40 -21.24 -26.85
CA PHE A 353 -30.29 -22.12 -27.62
C PHE A 353 -31.57 -22.33 -26.83
N GLY A 354 -32.69 -22.35 -27.55
CA GLY A 354 -33.97 -22.79 -27.00
C GLY A 354 -34.56 -21.87 -25.94
N ASN A 355 -35.33 -22.47 -25.04
CA ASN A 355 -36.13 -21.73 -24.07
C ASN A 355 -35.39 -21.43 -22.77
N ASN A 356 -35.28 -20.13 -22.44
CA ASN A 356 -34.69 -19.68 -21.20
C ASN A 356 -33.31 -20.30 -20.92
N PRO A 357 -32.38 -20.24 -21.90
CA PRO A 357 -31.09 -20.91 -21.68
C PRO A 357 -30.22 -20.21 -20.63
N PRO A 358 -29.16 -20.88 -20.13
CA PRO A 358 -28.31 -20.20 -19.15
C PRO A 358 -27.67 -18.94 -19.72
N GLN A 359 -27.60 -17.89 -18.90
CA GLN A 359 -27.05 -16.62 -19.33
C GLN A 359 -25.74 -16.26 -18.64
N ARG A 360 -25.39 -16.99 -17.58
CA ARG A 360 -24.19 -16.72 -16.82
C ARG A 360 -23.28 -17.94 -16.69
N PRO A 361 -22.85 -18.53 -17.82
CA PRO A 361 -21.93 -19.67 -17.71
C PRO A 361 -20.61 -19.27 -17.06
N HIS A 362 -19.97 -20.24 -16.41
CA HIS A 362 -18.74 -20.02 -15.69
C HIS A 362 -17.57 -20.01 -16.67
N HIS A 363 -17.42 -18.90 -17.39
CA HIS A 363 -16.52 -18.82 -18.54
C HIS A 363 -15.97 -17.39 -18.59
N ARG A 364 -14.67 -17.25 -18.33
CA ARG A 364 -14.05 -15.93 -18.23
C ARG A 364 -14.15 -15.08 -19.49
N THR A 365 -13.83 -15.65 -20.64
CA THR A 365 -13.75 -14.79 -21.83
C THR A 365 -15.14 -14.42 -22.33
N ALA A 366 -16.14 -15.28 -22.12
CA ALA A 366 -17.52 -14.91 -22.51
C ALA A 366 -18.07 -13.83 -21.59
N HIS A 367 -17.64 -13.84 -20.34
CA HIS A 367 -18.11 -12.86 -19.36
C HIS A 367 -17.63 -11.45 -19.74
N GLY A 368 -16.33 -11.34 -20.00
CA GLY A 368 -15.72 -10.09 -20.46
C GLY A 368 -15.53 -9.04 -19.38
N THR A 369 -14.86 -9.37 -18.29
CA THR A 369 -14.63 -8.39 -17.24
C THR A 369 -13.38 -7.58 -17.58
N TRP A 370 -13.17 -6.50 -16.83
CA TRP A 370 -11.96 -5.69 -16.90
C TRP A 370 -11.20 -5.60 -15.58
N LEU A 371 -11.78 -6.16 -14.53
CA LEU A 371 -11.14 -5.97 -13.23
C LEU A 371 -11.07 -7.20 -12.33
N ASP A 372 -10.93 -8.39 -12.93
CA ASP A 372 -10.66 -9.61 -12.18
C ASP A 372 -11.74 -9.89 -11.13
N LYS A 373 -13.00 -9.70 -11.51
CA LYS A 373 -14.13 -10.04 -10.65
C LYS A 373 -15.17 -10.81 -11.47
N ARG A 374 -15.92 -11.69 -10.78
CA ARG A 374 -17.01 -12.42 -11.42
C ARG A 374 -18.33 -11.65 -11.40
N ASP A 375 -18.50 -10.77 -10.42
CA ASP A 375 -19.77 -10.09 -10.24
C ASP A 375 -19.93 -8.86 -11.13
N ILE A 376 -18.84 -8.39 -11.73
CA ILE A 376 -18.87 -7.23 -12.61
C ILE A 376 -18.14 -7.52 -13.93
N PRO A 377 -18.80 -7.29 -15.09
CA PRO A 377 -20.17 -6.82 -15.26
C PRO A 377 -21.18 -7.87 -14.79
N GLU A 378 -22.37 -7.43 -14.40
CA GLU A 378 -23.40 -8.34 -13.90
C GLU A 378 -24.07 -9.16 -15.00
N LYS A 379 -23.92 -8.74 -16.25
CA LYS A 379 -24.37 -9.56 -17.37
C LYS A 379 -23.17 -9.93 -18.22
N HIS A 380 -23.13 -11.15 -18.76
CA HIS A 380 -22.05 -11.46 -19.71
C HIS A 380 -22.10 -10.52 -20.90
N ARG A 381 -20.93 -10.16 -21.39
CA ARG A 381 -20.83 -9.29 -22.56
C ARG A 381 -20.99 -10.10 -23.86
N HIS A 382 -20.76 -11.42 -23.77
CA HIS A 382 -20.78 -12.24 -24.97
C HIS A 382 -21.66 -13.48 -24.81
N VAL A 383 -22.12 -13.99 -25.95
CA VAL A 383 -22.95 -15.19 -25.98
C VAL A 383 -22.13 -16.43 -26.32
N LEU A 384 -22.02 -17.33 -25.35
CA LEU A 384 -21.25 -18.56 -25.56
C LEU A 384 -22.14 -19.62 -26.21
N TYR A 385 -22.58 -19.35 -27.44
CA TYR A 385 -23.57 -20.22 -28.09
C TYR A 385 -23.10 -21.67 -28.08
N GLY A 386 -24.02 -22.58 -27.77
CA GLY A 386 -23.76 -23.99 -27.96
C GLY A 386 -23.18 -24.70 -26.75
N ALA A 387 -22.73 -23.95 -25.75
CA ALA A 387 -22.13 -24.59 -24.58
C ALA A 387 -23.17 -25.36 -23.73
N LEU A 388 -22.90 -26.64 -23.50
CA LEU A 388 -23.75 -27.43 -22.62
C LEU A 388 -23.21 -27.20 -21.21
N VAL A 389 -24.06 -26.75 -20.28
CA VAL A 389 -23.54 -26.43 -18.94
C VAL A 389 -23.48 -27.70 -18.09
N GLY A 390 -22.82 -27.65 -16.93
CA GLY A 390 -22.84 -28.77 -15.96
C GLY A 390 -24.22 -29.37 -15.76
N GLY A 391 -25.20 -28.53 -15.45
CA GLY A 391 -26.57 -29.05 -15.38
C GLY A 391 -27.14 -29.00 -13.97
N PRO A 392 -28.35 -29.56 -13.79
CA PRO A 392 -28.98 -29.46 -12.47
C PRO A 392 -28.38 -30.40 -11.44
N GLY A 393 -28.75 -30.22 -10.18
CA GLY A 393 -28.37 -31.16 -9.14
C GLY A 393 -29.23 -32.41 -9.20
N ARG A 394 -29.03 -33.28 -8.22
CA ARG A 394 -29.63 -34.61 -8.24
C ARG A 394 -31.14 -34.56 -8.16
N ASP A 395 -31.67 -33.44 -7.70
CA ASP A 395 -33.12 -33.25 -7.56
C ASP A 395 -33.70 -32.33 -8.64
N ASP A 396 -32.94 -32.16 -9.72
CA ASP A 396 -33.32 -31.28 -10.84
C ASP A 396 -33.19 -29.78 -10.53
N SER A 397 -32.65 -29.41 -9.38
CA SER A 397 -32.58 -27.99 -9.02
C SER A 397 -31.45 -27.31 -9.79
N TYR A 398 -31.68 -26.05 -10.11
CA TYR A 398 -30.70 -25.30 -10.88
C TYR A 398 -31.01 -23.82 -10.70
N GLU A 399 -29.97 -23.00 -10.59
CA GLU A 399 -30.11 -21.55 -10.75
C GLU A 399 -28.94 -21.07 -11.59
N ASP A 400 -29.21 -20.11 -12.47
CA ASP A 400 -28.21 -19.55 -13.38
C ASP A 400 -27.35 -18.52 -12.64
N ASN A 401 -26.14 -18.92 -12.23
CA ASN A 401 -25.30 -18.13 -11.34
C ASN A 401 -23.84 -18.38 -11.75
N ILE A 402 -23.15 -17.29 -12.10
CA ILE A 402 -21.75 -17.35 -12.50
C ILE A 402 -20.89 -17.95 -11.39
N GLU A 403 -21.31 -17.80 -10.14
CA GLU A 403 -20.55 -18.36 -9.02
C GLU A 403 -20.66 -19.89 -8.98
N ASP A 404 -21.67 -20.46 -9.64
CA ASP A 404 -21.87 -21.90 -9.54
C ASP A 404 -20.95 -22.61 -10.53
N TYR A 405 -19.73 -22.87 -10.08
CA TYR A 405 -18.72 -23.49 -10.94
C TYR A 405 -18.99 -24.98 -11.15
N VAL A 406 -20.08 -25.51 -10.59
CA VAL A 406 -20.51 -26.87 -10.88
C VAL A 406 -21.61 -26.85 -11.94
N LYS A 407 -22.77 -26.28 -11.59
CA LYS A 407 -23.94 -26.32 -12.47
C LYS A 407 -23.76 -25.50 -13.73
N ASN A 408 -22.97 -24.42 -13.64
CA ASN A 408 -22.74 -23.50 -14.76
C ASN A 408 -21.36 -23.60 -15.42
N GLU A 409 -20.61 -24.64 -15.08
CA GLU A 409 -19.35 -24.95 -15.77
C GLU A 409 -19.67 -25.35 -17.20
N VAL A 410 -18.72 -25.07 -18.10
CA VAL A 410 -18.80 -25.47 -19.51
C VAL A 410 -17.42 -26.04 -19.86
N ALA A 411 -17.32 -26.91 -20.86
CA ALA A 411 -16.01 -27.52 -21.13
C ALA A 411 -16.00 -28.23 -22.47
N CYS A 412 -14.82 -28.34 -23.08
CA CYS A 412 -14.72 -29.11 -24.32
C CYS A 412 -15.35 -30.49 -24.21
N ASP A 413 -15.11 -31.19 -23.10
CA ASP A 413 -15.58 -32.58 -22.99
C ASP A 413 -17.07 -32.68 -22.71
N TYR A 414 -17.66 -31.62 -22.15
CA TYR A 414 -19.10 -31.54 -22.00
C TYR A 414 -19.80 -31.56 -23.36
N ASN A 415 -19.21 -30.86 -24.32
CA ASN A 415 -19.81 -30.74 -25.65
C ASN A 415 -19.55 -31.90 -26.58
N ALA A 416 -18.56 -32.74 -26.28
CA ALA A 416 -18.00 -33.69 -27.25
C ALA A 416 -18.93 -34.85 -27.62
N GLY A 417 -19.31 -35.71 -26.67
CA GLY A 417 -20.36 -36.72 -26.90
C GLY A 417 -21.67 -36.09 -27.36
N PHE A 418 -21.97 -34.91 -26.82
CA PHE A 418 -23.21 -34.17 -27.13
C PHE A 418 -23.32 -33.88 -28.63
N VAL A 419 -22.22 -33.44 -29.23
CA VAL A 419 -22.22 -33.17 -30.67
C VAL A 419 -22.55 -34.44 -31.44
N GLY A 420 -21.95 -35.56 -31.06
CA GLY A 420 -22.22 -36.85 -31.72
C GLY A 420 -23.67 -37.26 -31.62
N ALA A 421 -24.26 -37.14 -30.43
CA ALA A 421 -25.68 -37.44 -30.29
C ALA A 421 -26.57 -36.49 -31.09
N LEU A 422 -26.20 -35.22 -31.18
CA LEU A 422 -26.93 -34.27 -32.00
C LEU A 422 -26.83 -34.57 -33.49
N CYS A 423 -25.70 -35.14 -33.92
CA CYS A 423 -25.52 -35.55 -35.32
C CYS A 423 -26.52 -36.65 -35.62
N ARG A 424 -26.66 -37.60 -34.69
CA ARG A 424 -27.59 -38.71 -34.88
C ARG A 424 -29.05 -38.24 -34.97
N LEU A 425 -29.43 -37.31 -34.11
CA LEU A 425 -30.81 -36.81 -34.07
C LEU A 425 -31.14 -35.91 -35.26
N THR A 426 -30.19 -35.08 -35.68
CA THR A 426 -30.40 -34.30 -36.90
C THR A 426 -30.42 -35.19 -38.14
N ALA A 427 -29.56 -36.21 -38.18
CA ALA A 427 -29.62 -37.18 -39.27
C ALA A 427 -31.04 -37.75 -39.42
N GLU A 428 -31.68 -38.05 -38.30
CA GLU A 428 -33.01 -38.62 -38.29
C GLU A 428 -34.14 -37.61 -38.48
N TYR A 429 -34.09 -36.46 -37.81
CA TYR A 429 -35.22 -35.52 -37.82
C TYR A 429 -34.96 -34.28 -38.66
N GLY A 430 -33.76 -34.12 -39.19
CA GLY A 430 -33.40 -32.95 -39.98
C GLY A 430 -33.40 -31.65 -39.19
N GLY A 431 -34.06 -30.65 -39.74
CA GLY A 431 -34.10 -29.30 -39.17
C GLY A 431 -33.25 -28.37 -40.02
N THR A 432 -33.46 -27.06 -39.92
CA THR A 432 -32.65 -26.15 -40.72
C THR A 432 -31.79 -25.29 -39.80
N PRO A 433 -30.49 -25.14 -40.11
CA PRO A 433 -29.64 -24.33 -39.26
C PRO A 433 -30.03 -22.86 -39.39
N LEU A 434 -29.63 -22.01 -38.45
CA LEU A 434 -29.91 -20.59 -38.52
C LEU A 434 -29.09 -19.85 -39.58
N ALA A 435 -29.76 -19.11 -40.45
CA ALA A 435 -29.08 -18.28 -41.44
C ALA A 435 -28.44 -17.11 -40.72
N ASN A 436 -27.31 -16.62 -41.21
CA ASN A 436 -26.73 -15.42 -40.61
C ASN A 436 -26.37 -15.58 -39.11
N PHE A 437 -26.05 -16.81 -38.71
CA PHE A 437 -25.54 -17.08 -37.38
C PHE A 437 -24.00 -17.00 -37.40
N PRO A 438 -23.38 -16.37 -36.38
CA PRO A 438 -23.98 -15.66 -35.24
C PRO A 438 -24.35 -14.23 -35.60
N PRO A 439 -25.39 -13.68 -34.96
CA PRO A 439 -25.68 -12.27 -35.19
C PRO A 439 -24.70 -11.40 -34.40
N PRO A 440 -24.48 -10.15 -34.87
CA PRO A 440 -23.58 -9.21 -34.19
C PRO A 440 -24.07 -8.87 -32.78
N GLU A 441 -23.15 -8.69 -31.86
CA GLU A 441 -23.48 -8.32 -30.47
C GLU A 441 -23.54 -6.81 -30.33
N GLN A 442 -24.32 -6.35 -29.36
CA GLN A 442 -24.28 -4.96 -28.93
C GLN A 442 -22.99 -4.76 -28.12
N ARG A 443 -22.25 -3.69 -28.40
CA ARG A 443 -20.97 -3.44 -27.75
C ARG A 443 -21.06 -2.24 -26.80
N ASP A 444 -20.21 -2.22 -25.76
CA ASP A 444 -19.95 -1.02 -24.96
C ASP A 444 -18.68 -0.31 -25.44
N ASP A 445 -18.48 0.91 -24.93
CA ASP A 445 -17.24 1.62 -25.23
C ASP A 445 -16.09 0.87 -24.60
N GLU A 446 -14.96 0.80 -25.30
CA GLU A 446 -13.86 -0.07 -24.87
C GLU A 446 -12.65 0.73 -24.39
N PHE A 447 -12.31 1.79 -25.12
CA PHE A 447 -11.18 2.65 -24.78
C PHE A 447 -11.75 4.04 -24.59
N PHE A 448 -11.48 4.67 -23.44
CA PHE A 448 -12.09 5.96 -23.10
C PHE A 448 -11.45 6.58 -21.87
N VAL A 449 -11.51 7.91 -21.78
CA VAL A 449 -11.09 8.58 -20.56
C VAL A 449 -12.28 8.70 -19.60
N GLU A 450 -12.06 8.38 -18.33
CA GLU A 450 -12.88 8.86 -17.24
C GLU A 450 -12.09 9.97 -16.55
N ALA A 451 -12.75 11.11 -16.34
CA ALA A 451 -12.08 12.26 -15.74
C ALA A 451 -12.92 12.91 -14.64
N ALA A 452 -12.22 13.57 -13.73
CA ALA A 452 -12.84 14.36 -12.66
C ALA A 452 -12.02 15.63 -12.42
N ILE A 453 -12.73 16.67 -11.99
CA ILE A 453 -12.07 17.88 -11.51
C ILE A 453 -11.51 17.56 -10.14
N ASN A 454 -10.19 17.40 -10.09
CA ASN A 454 -9.51 17.16 -8.82
C ASN A 454 -9.48 18.42 -7.97
N GLN A 455 -9.25 19.57 -8.57
CA GLN A 455 -9.32 20.84 -7.86
C GLN A 455 -9.51 21.93 -8.91
N ALA A 456 -10.38 22.89 -8.60
CA ALA A 456 -10.51 24.09 -9.42
C ALA A 456 -10.14 25.32 -8.60
N SER A 457 -9.23 26.12 -9.16
CA SER A 457 -8.74 27.30 -8.47
C SER A 457 -8.95 28.51 -9.37
N ASP A 458 -8.82 29.71 -8.81
CA ASP A 458 -8.94 30.89 -9.66
C ASP A 458 -7.73 31.07 -10.59
N HIS A 459 -6.73 30.19 -10.46
CA HIS A 459 -5.60 30.24 -11.39
C HIS A 459 -5.19 28.90 -12.02
N PHE A 460 -5.99 27.84 -11.81
CA PHE A 460 -5.69 26.54 -12.41
C PHE A 460 -6.85 25.57 -12.47
N THR A 461 -6.71 24.61 -13.38
CA THR A 461 -7.53 23.41 -13.42
C THR A 461 -6.62 22.22 -13.13
N GLU A 462 -7.05 21.37 -12.22
CA GLU A 462 -6.33 20.14 -11.97
C GLU A 462 -7.28 18.98 -12.24
N ILE A 463 -6.85 18.08 -13.11
CA ILE A 463 -7.66 16.96 -13.57
C ILE A 463 -7.10 15.63 -13.09
N LYS A 464 -7.99 14.75 -12.62
CA LYS A 464 -7.66 13.34 -12.45
C LYS A 464 -8.24 12.65 -13.68
N ALA A 465 -7.38 11.98 -14.45
CA ALA A 465 -7.83 11.27 -15.65
C ALA A 465 -7.35 9.83 -15.66
N LEU A 466 -8.28 8.93 -15.99
CA LEU A 466 -7.98 7.50 -16.03
C LEU A 466 -8.24 7.07 -17.46
N LEU A 467 -7.19 6.70 -18.19
CA LEU A 467 -7.37 6.18 -19.55
C LEU A 467 -7.66 4.68 -19.44
N ASN A 468 -8.86 4.27 -19.85
CA ASN A 468 -9.36 2.91 -19.62
C ASN A 468 -9.15 1.99 -20.82
N ASN A 469 -8.85 0.72 -20.55
CA ASN A 469 -8.97 -0.30 -21.57
C ASN A 469 -9.88 -1.37 -21.00
N ARG A 470 -11.15 -1.29 -21.37
CA ARG A 470 -12.14 -2.31 -21.03
C ARG A 470 -12.57 -3.04 -22.31
N SER A 471 -11.60 -3.32 -23.19
CA SER A 471 -11.90 -3.98 -24.46
C SER A 471 -12.44 -5.39 -24.23
N SER A 472 -13.27 -5.84 -25.17
CA SER A 472 -13.89 -7.17 -25.08
C SER A 472 -14.35 -7.69 -26.46
N TRP A 473 -14.32 -6.87 -27.51
CA TRP A 473 -14.72 -7.33 -28.84
C TRP A 473 -13.62 -7.31 -29.91
N PRO A 474 -12.54 -8.10 -29.76
CA PRO A 474 -12.15 -8.91 -28.63
C PRO A 474 -11.35 -8.06 -27.64
N ALA A 475 -11.16 -8.58 -26.43
CA ALA A 475 -10.15 -8.02 -25.52
C ALA A 475 -8.84 -7.92 -26.30
N ARG A 476 -8.13 -6.81 -26.15
CA ARG A 476 -6.94 -6.56 -26.97
C ARG A 476 -6.06 -5.49 -26.33
N LEU A 477 -4.84 -5.34 -26.83
CA LEU A 477 -3.88 -4.40 -26.26
C LEU A 477 -3.55 -3.41 -27.34
N ILE A 478 -3.46 -2.14 -26.96
CA ILE A 478 -3.08 -1.08 -27.90
C ILE A 478 -1.84 -0.37 -27.36
N LYS A 479 -0.77 -0.35 -28.15
CA LYS A 479 0.49 0.22 -27.70
C LYS A 479 0.46 1.75 -27.72
N ASP A 480 0.03 2.32 -28.84
CA ASP A 480 0.23 3.75 -29.06
C ASP A 480 -0.97 4.59 -28.63
N LEU A 481 -1.30 4.51 -27.34
CA LEU A 481 -2.45 5.21 -26.80
C LEU A 481 -2.11 6.63 -26.36
N SER A 482 -3.03 7.54 -26.65
CA SER A 482 -2.94 8.92 -26.15
C SER A 482 -4.35 9.49 -26.01
N TYR A 483 -4.47 10.55 -25.20
CA TYR A 483 -5.67 11.37 -25.24
C TYR A 483 -5.31 12.84 -25.20
N ASN A 484 -6.27 13.68 -25.57
CA ASN A 484 -6.02 15.13 -25.63
C ASN A 484 -6.91 15.88 -24.63
N TYR A 485 -6.37 16.96 -24.04
CA TYR A 485 -7.18 17.86 -23.24
C TYR A 485 -7.15 19.24 -23.92
N TYR A 486 -8.33 19.67 -24.38
CA TYR A 486 -8.51 20.90 -25.18
C TYR A 486 -8.95 22.07 -24.31
N MET A 487 -8.32 23.22 -24.51
CA MET A 487 -8.68 24.45 -23.78
C MET A 487 -8.93 25.58 -24.76
N ASP A 488 -9.67 26.59 -24.30
CA ASP A 488 -9.81 27.87 -24.98
C ASP A 488 -9.05 28.91 -24.15
N LEU A 489 -8.03 29.51 -24.75
CA LEU A 489 -7.18 30.46 -24.02
C LEU A 489 -7.57 31.92 -24.29
N THR A 490 -8.79 32.14 -24.81
CA THR A 490 -9.28 33.49 -25.08
C THR A 490 -9.11 34.39 -23.87
N GLU A 491 -9.50 33.95 -22.69
CA GLU A 491 -9.40 34.79 -21.51
C GLU A 491 -7.95 35.13 -21.12
N VAL A 492 -7.01 34.21 -21.42
CA VAL A 492 -5.59 34.42 -21.17
C VAL A 492 -5.07 35.60 -22.01
N PHE A 493 -5.35 35.58 -23.31
CA PHE A 493 -4.88 36.63 -24.20
C PHE A 493 -5.54 37.96 -23.86
N GLU A 494 -6.83 37.92 -23.54
CA GLU A 494 -7.53 39.14 -23.17
C GLU A 494 -7.00 39.78 -21.88
N ALA A 495 -6.48 38.98 -20.96
CA ALA A 495 -5.86 39.53 -19.75
C ALA A 495 -4.46 40.07 -20.03
N GLY A 496 -3.97 39.86 -21.25
CA GLY A 496 -2.63 40.27 -21.64
C GLY A 496 -1.53 39.24 -21.45
N TYR A 497 -1.88 37.98 -21.25
CA TYR A 497 -0.89 36.92 -21.02
C TYR A 497 -0.73 36.09 -22.28
N SER A 498 0.21 35.15 -22.27
CA SER A 498 0.43 34.30 -23.44
C SER A 498 0.51 32.83 -23.02
N VAL A 499 0.68 31.96 -24.01
CA VAL A 499 0.80 30.52 -23.78
C VAL A 499 2.01 30.22 -22.89
N ASP A 500 3.10 30.97 -23.08
CA ASP A 500 4.28 30.95 -22.21
C ASP A 500 3.98 31.04 -20.72
N ASP A 501 2.86 31.66 -20.37
CA ASP A 501 2.50 31.93 -18.97
C ASP A 501 1.67 30.81 -18.32
N ILE A 502 1.29 29.84 -19.12
CA ILE A 502 0.49 28.71 -18.66
C ILE A 502 1.42 27.50 -18.52
N LYS A 503 1.40 26.87 -17.35
CA LYS A 503 2.39 25.87 -16.98
C LYS A 503 1.69 24.52 -16.68
N VAL A 504 2.25 23.43 -17.17
CA VAL A 504 1.69 22.09 -16.93
C VAL A 504 2.54 21.36 -15.90
N THR A 505 1.90 20.82 -14.85
CA THR A 505 2.63 20.06 -13.84
C THR A 505 1.87 18.76 -13.54
N ILE A 506 2.56 17.81 -12.92
CA ILE A 506 2.00 16.50 -12.64
C ILE A 506 1.93 16.30 -11.13
N GLY A 507 0.77 15.86 -10.63
CA GLY A 507 0.60 15.64 -9.21
C GLY A 507 0.60 14.18 -8.78
N TYR A 508 0.52 13.27 -9.76
CA TYR A 508 0.51 11.83 -9.53
C TYR A 508 0.57 11.17 -10.90
N CYS A 509 1.45 10.20 -11.04
CA CYS A 509 1.41 9.38 -12.24
C CYS A 509 1.65 7.93 -11.81
N GLU A 510 0.68 7.09 -12.18
CA GLU A 510 0.62 5.70 -11.72
C GLU A 510 1.85 4.88 -12.09
N SER A 511 2.35 4.13 -11.12
CA SER A 511 3.51 3.29 -11.31
C SER A 511 3.35 2.35 -12.51
N GLY A 512 4.39 2.22 -13.31
CA GLY A 512 4.40 1.23 -14.39
C GLY A 512 3.78 1.71 -15.70
N MET A 513 3.30 2.95 -15.72
CA MET A 513 2.62 3.51 -16.90
C MET A 513 3.44 4.65 -17.51
N ASP A 514 4.44 4.30 -18.33
CA ASP A 514 5.37 5.27 -18.92
C ASP A 514 4.59 6.30 -19.72
N VAL A 515 4.68 7.56 -19.32
CA VAL A 515 3.81 8.58 -19.90
C VAL A 515 4.60 9.82 -20.31
N GLU A 516 4.12 10.48 -21.37
CA GLU A 516 4.65 11.79 -21.73
C GLU A 516 3.53 12.80 -21.93
N ILE A 517 3.79 14.04 -21.55
CA ILE A 517 2.79 15.10 -21.72
C ILE A 517 3.43 16.13 -22.63
N SER A 518 2.74 16.50 -23.69
CA SER A 518 3.27 17.45 -24.68
C SER A 518 3.21 18.87 -24.12
N PRO A 519 3.99 19.78 -24.72
CA PRO A 519 3.74 21.21 -24.45
C PRO A 519 2.31 21.56 -24.88
N ILE A 520 1.81 22.70 -24.40
CA ILE A 520 0.55 23.28 -24.89
C ILE A 520 0.71 23.60 -26.37
N THR A 521 -0.21 23.11 -27.18
CA THR A 521 -0.02 23.01 -28.62
C THR A 521 -1.21 23.71 -29.28
N HIS A 522 -0.91 24.58 -30.25
CA HIS A 522 -1.97 25.32 -30.92
C HIS A 522 -2.77 24.42 -31.84
N LEU A 523 -4.10 24.47 -31.77
CA LEU A 523 -4.95 23.78 -32.73
C LEU A 523 -5.45 24.77 -33.80
N TYR A 524 -6.31 25.71 -33.42
CA TYR A 524 -6.72 26.80 -34.30
C TYR A 524 -7.40 27.87 -33.46
N ASP A 525 -7.40 29.10 -33.96
CA ASP A 525 -7.97 30.25 -33.24
C ASP A 525 -7.32 30.33 -31.86
N ASN A 526 -8.13 30.37 -30.81
CA ASN A 526 -7.61 30.38 -29.44
C ASN A 526 -7.71 29.02 -28.76
N ILE A 527 -7.80 27.97 -29.57
CA ILE A 527 -7.96 26.62 -29.02
C ILE A 527 -6.60 25.95 -29.01
N TYR A 528 -6.23 25.43 -27.84
CA TYR A 528 -4.95 24.77 -27.64
C TYR A 528 -5.21 23.46 -26.92
N TYR A 529 -4.24 22.56 -26.92
CA TYR A 529 -4.38 21.30 -26.20
C TYR A 529 -3.06 20.74 -25.70
N ILE A 530 -3.14 19.81 -24.77
CA ILE A 530 -1.99 18.97 -24.45
C ILE A 530 -2.40 17.55 -24.81
N LYS A 531 -1.42 16.78 -25.29
CA LYS A 531 -1.60 15.36 -25.55
C LYS A 531 -0.91 14.56 -24.45
N ILE A 532 -1.65 13.66 -23.82
CA ILE A 532 -1.05 12.71 -22.88
C ILE A 532 -0.83 11.41 -23.64
N SER A 533 0.42 10.96 -23.76
CA SER A 533 0.72 9.73 -24.51
C SER A 533 1.33 8.66 -23.62
N TYR A 534 0.79 7.46 -23.66
CA TYR A 534 1.40 6.29 -23.03
C TYR A 534 2.29 5.57 -24.03
N ILE A 535 3.60 5.53 -23.77
CA ILE A 535 4.56 4.96 -24.71
C ILE A 535 4.41 3.45 -24.87
N ASP A 536 4.20 2.72 -23.78
CA ASP A 536 3.76 1.33 -23.95
C ASP A 536 2.36 1.16 -23.40
N GLY A 537 1.36 1.52 -24.21
CA GLY A 537 -0.03 1.44 -23.79
C GLY A 537 -0.54 0.03 -23.54
N THR A 538 0.20 -1.01 -23.93
CA THR A 538 -0.21 -2.39 -23.64
C THR A 538 -0.31 -2.72 -22.15
N ASN A 539 0.37 -1.91 -21.33
CA ASN A 539 0.24 -2.02 -19.87
C ASN A 539 -1.10 -1.53 -19.34
N ILE A 540 -1.87 -0.81 -20.14
CA ILE A 540 -3.27 -0.53 -19.80
C ILE A 540 -4.10 -1.65 -20.43
N CYS A 541 -4.63 -2.52 -19.57
CA CYS A 541 -5.27 -3.75 -20.01
C CYS A 541 -6.23 -4.31 -18.96
N PRO A 542 -7.29 -4.98 -19.42
CA PRO A 542 -8.35 -5.40 -18.49
C PRO A 542 -8.01 -6.66 -17.68
N ILE A 543 -6.99 -6.55 -16.84
CA ILE A 543 -6.50 -7.73 -16.12
C ILE A 543 -6.70 -7.65 -14.62
N GLY A 544 -7.29 -6.55 -14.15
CA GLY A 544 -7.38 -6.33 -12.72
C GLY A 544 -7.71 -4.88 -12.36
N GLN A 545 -7.99 -4.67 -11.08
CA GLN A 545 -8.49 -3.39 -10.61
C GLN A 545 -7.48 -2.27 -10.84
N GLU A 546 -6.19 -2.60 -10.79
CA GLU A 546 -5.19 -1.57 -10.99
C GLU A 546 -4.90 -1.27 -12.46
N GLN A 547 -4.93 -2.30 -13.30
CA GLN A 547 -4.33 -2.16 -14.62
C GLN A 547 -5.27 -1.73 -15.75
N TYR A 548 -6.59 -1.79 -15.54
CA TYR A 548 -7.52 -1.50 -16.61
C TYR A 548 -7.57 -0.01 -16.97
N ALA A 549 -7.04 0.84 -16.09
CA ALA A 549 -6.93 2.27 -16.40
C ALA A 549 -5.60 2.81 -15.88
N ALA A 550 -5.00 3.73 -16.61
CA ALA A 550 -3.85 4.47 -16.07
C ALA A 550 -4.30 5.82 -15.53
N GLU A 551 -3.91 6.10 -14.29
CA GLU A 551 -4.30 7.32 -13.63
C GLU A 551 -3.17 8.34 -13.72
N LEU A 552 -3.54 9.57 -14.10
CA LEU A 552 -2.62 10.70 -14.13
C LEU A 552 -3.36 11.89 -13.52
N GLN A 553 -2.71 12.62 -12.63
CA GLN A 553 -3.25 13.90 -12.17
C GLN A 553 -2.42 15.01 -12.77
N PHE A 554 -3.04 15.86 -13.58
CA PHE A 554 -2.26 16.94 -14.19
C PHE A 554 -2.92 18.28 -13.88
N ARG A 555 -2.10 19.32 -13.80
CA ARG A 555 -2.55 20.65 -13.48
C ARG A 555 -2.10 21.60 -14.58
N ILE A 556 -3.02 22.43 -15.06
CA ILE A 556 -2.73 23.44 -16.08
C ILE A 556 -2.99 24.77 -15.36
N ALA A 557 -1.95 25.58 -15.21
CA ALA A 557 -2.00 26.73 -14.30
C ALA A 557 -1.53 28.02 -14.95
N ALA A 558 -2.29 29.07 -14.69
CA ALA A 558 -1.87 30.45 -14.92
C ALA A 558 -1.02 30.84 -13.70
N PRO A 559 -0.36 32.00 -13.71
CA PRO A 559 0.48 32.31 -12.55
C PRO A 559 -0.32 32.42 -11.24
N GLN A 560 0.29 31.97 -10.15
CA GLN A 560 -0.30 32.10 -8.83
C GLN A 560 -0.61 33.59 -8.63
N GLY A 561 -1.81 33.88 -8.14
CA GLY A 561 -2.23 35.25 -7.89
C GLY A 561 -3.12 35.83 -8.96
N THR A 562 -3.08 35.26 -10.16
CA THR A 562 -3.89 35.78 -11.26
C THR A 562 -5.34 35.34 -11.11
N LYS A 563 -6.22 36.02 -11.83
CA LYS A 563 -7.66 35.89 -11.62
C LYS A 563 -8.48 35.75 -12.89
N PHE A 564 -7.83 35.46 -14.01
CA PHE A 564 -8.52 35.41 -15.31
C PHE A 564 -8.87 33.99 -15.76
N TRP A 565 -8.22 32.99 -15.19
CA TRP A 565 -8.34 31.61 -15.68
C TRP A 565 -9.80 31.19 -15.75
N ASP A 566 -10.24 30.75 -16.92
CA ASP A 566 -11.64 30.39 -17.08
C ASP A 566 -11.75 29.02 -17.77
N PRO A 567 -11.96 27.96 -16.99
CA PRO A 567 -12.04 26.63 -17.59
C PRO A 567 -13.40 26.41 -18.24
N THR A 568 -14.37 27.29 -17.99
CA THR A 568 -15.76 27.07 -18.43
C THR A 568 -15.92 27.17 -19.94
N ASN A 569 -14.94 27.77 -20.62
CA ASN A 569 -14.97 27.75 -22.08
C ASN A 569 -14.06 26.68 -22.70
N ASP A 570 -13.45 25.82 -21.89
CA ASP A 570 -12.56 24.76 -22.38
C ASP A 570 -13.36 23.54 -22.84
N PHE A 571 -13.12 23.15 -24.07
CA PHE A 571 -13.79 22.00 -24.69
C PHE A 571 -13.77 20.75 -23.79
N SER A 572 -12.59 20.40 -23.26
CA SER A 572 -12.44 19.19 -22.46
C SER A 572 -12.95 19.30 -21.03
N TYR A 573 -13.33 20.51 -20.59
CA TYR A 573 -13.82 20.68 -19.22
C TYR A 573 -15.33 20.42 -19.20
N GLN A 574 -15.97 20.45 -20.37
CA GLN A 574 -17.45 20.39 -20.43
C GLN A 574 -17.99 19.16 -19.72
N GLY A 575 -18.96 19.35 -18.82
CA GLY A 575 -19.63 18.22 -18.17
C GLY A 575 -18.88 17.60 -17.01
N LEU A 576 -17.61 17.98 -16.82
CA LEU A 576 -16.85 17.41 -15.72
C LEU A 576 -17.39 17.80 -14.36
N THR A 577 -17.30 16.88 -13.41
CA THR A 577 -17.61 17.14 -12.02
C THR A 577 -16.45 16.63 -11.16
N ARG A 578 -16.66 16.69 -9.85
CA ARG A 578 -15.72 16.19 -8.86
C ARG A 578 -15.72 14.67 -8.82
N GLU A 579 -16.67 14.04 -9.51
CA GLU A 579 -16.79 12.59 -9.53
C GLU A 579 -16.29 12.07 -10.88
N LEU A 580 -15.47 11.02 -10.83
CA LEU A 580 -14.98 10.38 -12.04
C LEU A 580 -16.12 9.93 -12.95
N ALA A 581 -16.06 10.33 -14.22
CA ALA A 581 -17.06 9.90 -15.20
C ALA A 581 -16.44 9.85 -16.59
N LYS A 582 -16.96 8.96 -17.44
CA LYS A 582 -16.53 8.89 -18.84
C LYS A 582 -16.79 10.22 -19.51
N THR A 583 -15.84 10.68 -20.31
CA THR A 583 -16.07 11.90 -21.05
C THR A 583 -15.68 11.75 -22.51
N LYS A 584 -16.57 12.21 -23.39
CA LYS A 584 -16.28 12.15 -24.81
C LYS A 584 -15.40 13.32 -25.26
N TYR A 585 -15.14 14.27 -24.37
CA TYR A 585 -14.40 15.47 -24.75
C TYR A 585 -12.89 15.43 -24.48
N MET A 586 -12.42 14.29 -23.97
CA MET A 586 -10.98 14.01 -23.91
C MET A 586 -10.76 12.78 -24.79
N PRO A 587 -10.70 13.01 -26.13
CA PRO A 587 -10.76 11.88 -27.05
C PRO A 587 -9.51 11.02 -27.01
N VAL A 588 -9.68 9.73 -27.27
CA VAL A 588 -8.60 8.75 -27.22
C VAL A 588 -8.15 8.36 -28.63
N PHE A 589 -6.84 8.23 -28.81
CA PHE A 589 -6.25 7.95 -30.12
C PHE A 589 -5.38 6.70 -30.01
N ASP A 590 -5.37 5.93 -31.08
CA ASP A 590 -4.43 4.84 -31.28
C ASP A 590 -3.54 5.30 -32.44
N GLY A 591 -2.30 5.68 -32.16
CA GLY A 591 -1.47 6.32 -33.17
C GLY A 591 -2.16 7.63 -33.50
N ALA A 592 -2.32 7.93 -34.78
CA ALA A 592 -3.02 9.13 -35.22
C ALA A 592 -4.51 8.94 -35.43
N THR A 593 -5.05 7.75 -35.15
CA THR A 593 -6.46 7.45 -35.39
C THR A 593 -7.28 7.68 -34.13
N LYS A 594 -8.29 8.53 -34.21
CA LYS A 594 -9.19 8.72 -33.08
C LYS A 594 -10.07 7.49 -32.89
N ILE A 595 -10.06 6.90 -31.69
CA ILE A 595 -10.87 5.71 -31.47
C ILE A 595 -12.06 5.95 -30.55
N PHE A 596 -12.10 7.10 -29.89
CA PHE A 596 -13.24 7.41 -29.03
C PHE A 596 -13.32 8.91 -28.78
N GLY A 597 -14.54 9.44 -28.77
CA GLY A 597 -14.79 10.81 -28.35
C GLY A 597 -14.82 11.82 -29.48
N GLU A 598 -14.84 13.10 -29.13
CA GLU A 598 -14.99 14.17 -30.12
C GLU A 598 -13.87 15.20 -30.05
N VAL A 599 -13.67 15.92 -31.15
CA VAL A 599 -12.64 16.95 -31.20
C VAL A 599 -13.32 18.29 -31.47
N PRO A 600 -12.67 19.40 -31.08
CA PRO A 600 -13.26 20.70 -31.40
C PRO A 600 -13.32 20.91 -32.91
N GLY A 601 -14.43 21.45 -33.41
CA GLY A 601 -14.58 21.64 -34.84
C GLY A 601 -15.32 20.55 -35.59
N GLY A 602 -16.01 19.66 -34.88
CA GLY A 602 -17.02 18.82 -35.52
C GLY A 602 -16.75 17.32 -35.59
N SER B 4 33.83 19.69 44.20
CA SER B 4 33.87 18.28 43.71
C SER B 4 33.78 18.17 42.18
N TYR B 5 32.72 18.72 41.61
CA TYR B 5 32.54 18.78 40.16
C TYR B 5 32.90 20.17 39.66
N ASN B 6 33.01 20.38 38.35
CA ASN B 6 33.04 21.73 37.83
C ASN B 6 31.59 22.24 37.76
N TYR B 7 31.13 22.83 38.86
CA TYR B 7 29.76 23.31 38.93
C TYR B 7 29.49 24.46 37.98
N ALA B 8 30.53 25.22 37.66
CA ALA B 8 30.41 26.31 36.69
C ALA B 8 30.09 25.75 35.31
N GLU B 9 30.77 24.66 34.94
CA GLU B 9 30.48 23.99 33.68
C GLU B 9 29.08 23.39 33.70
N ALA B 10 28.71 22.73 34.80
CA ALA B 10 27.37 22.16 34.87
C ALA B 10 26.29 23.24 34.72
N LEU B 11 26.50 24.38 35.38
CA LEU B 11 25.57 25.52 35.29
C LEU B 11 25.44 26.08 33.87
N GLN B 12 26.59 26.31 33.25
CA GLN B 12 26.66 26.77 31.85
C GLN B 12 25.82 25.91 30.92
N LYS B 13 25.96 24.59 31.03
CA LYS B 13 25.21 23.64 30.22
C LYS B 13 23.74 23.57 30.62
N ALA B 14 23.45 23.61 31.91
CA ALA B 14 22.07 23.50 32.40
C ALA B 14 21.22 24.68 31.92
N ILE B 15 21.83 25.85 31.79
CA ILE B 15 21.22 27.07 31.22
C ILE B 15 21.04 26.94 29.71
N TYR B 16 22.05 26.41 29.02
CA TYR B 16 22.02 26.26 27.57
C TYR B 16 20.86 25.38 27.14
N PHE B 17 20.54 24.38 27.97
CA PHE B 17 19.35 23.55 27.75
C PHE B 17 18.11 24.36 27.36
N TYR B 18 17.84 25.47 28.07
CA TYR B 18 16.66 26.26 27.77
C TYR B 18 16.69 26.87 26.37
N GLU B 19 17.87 27.18 25.84
CA GLU B 19 17.95 27.63 24.45
C GLU B 19 17.53 26.54 23.48
N CYS B 20 17.80 25.28 23.82
CA CYS B 20 17.35 24.15 23.01
C CYS B 20 15.83 24.04 23.01
N GLN B 21 15.17 24.56 24.05
CA GLN B 21 13.71 24.49 24.17
C GLN B 21 12.96 25.68 23.54
N GLN B 22 13.69 26.67 23.02
CA GLN B 22 13.01 27.89 22.58
C GLN B 22 12.14 27.69 21.32
N ALA B 23 10.88 28.12 21.39
CA ALA B 23 10.05 28.22 20.20
C ALA B 23 10.39 29.48 19.41
N GLY B 24 9.99 29.53 18.14
CA GLY B 24 10.27 30.71 17.31
C GLY B 24 9.44 31.93 17.70
N PRO B 25 9.94 33.15 17.39
CA PRO B 25 11.23 33.37 16.72
C PRO B 25 12.37 33.33 17.73
N LEU B 26 13.49 32.74 17.33
CA LEU B 26 14.64 32.63 18.23
C LEU B 26 15.36 33.97 18.35
N PRO B 27 15.88 34.28 19.56
CA PRO B 27 16.63 35.53 19.73
C PRO B 27 17.97 35.38 19.01
N GLU B 28 18.61 36.52 18.71
CA GLU B 28 19.89 36.50 18.00
C GLU B 28 20.98 35.83 18.81
N TRP B 29 20.82 35.84 20.13
CA TRP B 29 21.79 35.22 21.04
C TRP B 29 21.67 33.70 21.22
N ASN B 30 20.66 33.07 20.62
CA ASN B 30 20.51 31.61 20.73
C ASN B 30 21.74 30.90 20.19
N ARG B 31 22.32 29.99 20.98
CA ARG B 31 23.60 29.35 20.65
C ARG B 31 23.47 27.96 20.05
N VAL B 32 22.26 27.54 19.69
CA VAL B 32 22.02 26.16 19.30
C VAL B 32 21.94 26.03 17.77
N GLU B 33 22.99 25.52 17.14
CA GLU B 33 23.06 25.50 15.66
C GLU B 33 21.98 24.62 15.05
N TRP B 34 21.44 23.69 15.83
CA TRP B 34 20.41 22.79 15.30
C TRP B 34 18.97 23.23 15.62
N ARG B 35 18.81 24.48 16.08
CA ARG B 35 17.47 25.03 16.25
C ARG B 35 17.28 26.22 15.32
N GLY B 36 16.11 26.26 14.69
CA GLY B 36 15.70 27.42 13.90
C GLY B 36 14.36 27.95 14.39
N ASP B 37 13.84 28.94 13.68
CA ASP B 37 12.53 29.51 14.03
C ASP B 37 11.48 28.44 13.80
N ALA B 38 10.75 28.07 14.84
CA ALA B 38 9.79 26.98 14.69
C ALA B 38 8.45 27.48 15.21
N THR B 39 7.40 26.76 14.81
CA THR B 39 6.03 27.05 15.20
C THR B 39 5.71 28.53 15.08
N MET B 40 6.09 29.10 13.94
CA MET B 40 5.88 30.52 13.71
C MET B 40 4.40 30.86 13.48
N ASN B 41 3.54 29.86 13.29
CA ASN B 41 2.10 30.13 13.19
C ASN B 41 1.37 30.08 14.51
N ASP B 42 2.09 29.88 15.61
CA ASP B 42 1.47 29.80 16.93
C ASP B 42 0.72 31.07 17.31
N GLU B 43 -0.36 30.91 18.05
CA GLU B 43 -1.16 32.06 18.48
C GLU B 43 -0.34 33.02 19.35
N VAL B 44 0.52 32.46 20.19
CA VAL B 44 1.54 33.25 20.92
C VAL B 44 2.94 32.71 20.60
N LEU B 45 3.81 33.62 20.15
CA LEU B 45 5.18 33.27 19.76
C LEU B 45 6.16 33.21 20.92
N GLY B 46 7.31 32.55 20.73
CA GLY B 46 8.31 32.45 21.79
C GLY B 46 7.88 31.46 22.89
N GLY B 47 8.47 31.58 24.08
CA GLY B 47 8.24 30.60 25.14
C GLY B 47 9.06 29.33 24.91
N TRP B 48 8.91 28.37 25.80
CA TRP B 48 9.61 27.09 25.70
C TRP B 48 8.65 25.95 25.37
N TYR B 49 9.11 25.02 24.54
CA TYR B 49 8.49 23.70 24.41
C TYR B 49 8.77 23.02 25.74
N ASP B 50 7.81 22.23 26.25
CA ASP B 50 7.91 21.81 27.64
C ASP B 50 9.02 20.79 27.92
N ALA B 51 9.04 19.73 27.11
CA ALA B 51 9.78 18.54 27.50
C ALA B 51 10.44 17.98 26.24
N GLY B 52 10.14 16.75 25.86
CA GLY B 52 10.76 16.15 24.69
C GLY B 52 9.94 16.31 23.44
N ALA B 53 8.88 17.11 23.52
CA ALA B 53 7.99 17.38 22.39
C ALA B 53 7.71 18.87 22.26
N HIS B 54 6.57 19.27 21.71
CA HIS B 54 6.44 20.64 21.20
C HIS B 54 5.23 21.38 21.72
N VAL B 55 4.65 20.90 22.81
CA VAL B 55 3.53 21.64 23.41
C VAL B 55 4.10 22.74 24.28
N LYS B 56 3.48 23.91 24.26
CA LYS B 56 3.74 24.94 25.26
C LYS B 56 2.70 24.81 26.37
N PHE B 57 3.13 24.33 27.53
CA PHE B 57 2.29 24.13 28.71
C PHE B 57 2.59 25.22 29.74
N ASN B 58 1.68 26.17 29.93
CA ASN B 58 2.04 27.35 30.73
C ASN B 58 2.32 27.09 32.20
N LEU B 59 1.69 26.08 32.80
CA LEU B 59 1.95 25.84 34.23
C LEU B 59 3.41 25.49 34.52
N PRO B 60 3.93 24.39 33.95
CA PRO B 60 5.34 24.10 34.22
C PRO B 60 6.26 25.12 33.55
N MET B 61 5.83 25.78 32.47
CA MET B 61 6.74 26.76 31.85
C MET B 61 6.96 27.96 32.78
N ALA B 62 5.87 28.51 33.32
CA ALA B 62 5.93 29.60 34.28
C ALA B 62 6.61 29.16 35.58
N TYR B 63 6.37 27.93 36.03
CA TYR B 63 7.03 27.43 37.24
C TYR B 63 8.55 27.48 37.01
N SER B 64 8.97 27.01 35.84
CA SER B 64 10.37 26.91 35.51
C SER B 64 10.99 28.30 35.46
N ALA B 65 10.27 29.26 34.86
CA ALA B 65 10.69 30.64 34.82
C ALA B 65 10.75 31.24 36.24
N ALA B 66 9.76 30.94 37.08
CA ALA B 66 9.80 31.43 38.46
C ALA B 66 11.04 30.91 39.20
N MET B 67 11.39 29.65 38.97
CA MET B 67 12.55 29.05 39.63
C MET B 67 13.87 29.64 39.12
N LEU B 68 13.92 29.93 37.82
CA LEU B 68 15.12 30.60 37.28
C LEU B 68 15.28 32.01 37.88
N GLY B 69 14.16 32.71 38.04
CA GLY B 69 14.14 33.99 38.73
C GLY B 69 14.59 33.86 40.17
N TRP B 70 14.09 32.85 40.87
CA TRP B 70 14.51 32.63 42.25
C TRP B 70 16.03 32.38 42.34
N ALA B 71 16.61 31.59 41.44
CA ALA B 71 18.06 31.40 41.42
C ALA B 71 18.82 32.75 41.33
N LEU B 72 18.37 33.62 40.44
CA LEU B 72 18.95 34.96 40.29
C LEU B 72 18.74 35.83 41.53
N TYR B 73 17.53 35.80 42.10
CA TYR B 73 17.20 36.51 43.32
C TYR B 73 18.13 36.14 44.47
N GLU B 74 18.36 34.84 44.65
CA GLU B 74 19.23 34.42 45.76
C GLU B 74 20.70 34.57 45.43
N TYR B 75 21.10 34.16 44.24
CA TYR B 75 22.54 33.93 43.98
C TYR B 75 23.14 34.65 42.78
N GLY B 76 22.36 35.50 42.13
CA GLY B 76 22.78 36.19 40.91
C GLY B 76 24.05 37.01 41.07
N ASP B 77 24.21 37.69 42.21
CA ASP B 77 25.46 38.43 42.47
C ASP B 77 26.63 37.49 42.72
N ASP B 78 26.34 36.26 43.10
CA ASP B 78 27.38 35.38 43.63
C ASP B 78 28.05 34.53 42.58
N ILE B 79 27.58 34.62 41.34
CA ILE B 79 28.04 33.71 40.31
C ILE B 79 28.89 34.40 39.24
N GLU B 80 29.61 35.46 39.61
CA GLU B 80 30.46 36.18 38.65
C GLU B 80 31.59 35.36 38.05
N ALA B 81 32.26 34.56 38.88
CA ALA B 81 33.32 33.67 38.38
C ALA B 81 32.87 32.76 37.24
N SER B 82 31.62 32.26 37.32
CA SER B 82 31.10 31.34 36.33
C SER B 82 30.88 31.97 34.96
N GLY B 83 30.71 33.29 34.91
CA GLY B 83 30.35 33.99 33.67
C GLY B 83 28.95 33.74 33.11
N GLN B 84 28.06 33.14 33.91
CA GLN B 84 26.76 32.66 33.43
C GLN B 84 25.57 33.56 33.76
N ARG B 85 25.79 34.60 34.56
CA ARG B 85 24.69 35.44 34.99
C ARG B 85 23.90 35.99 33.81
N LEU B 86 24.58 36.52 32.79
CA LEU B 86 23.85 37.11 31.66
C LEU B 86 23.12 36.02 30.86
N HIS B 87 23.73 34.86 30.70
CA HIS B 87 23.03 33.79 29.99
C HIS B 87 21.75 33.42 30.75
N LEU B 88 21.82 33.40 32.08
CA LEU B 88 20.65 33.07 32.87
C LEU B 88 19.55 34.14 32.74
N GLU B 89 19.94 35.42 32.81
CA GLU B 89 19.01 36.53 32.67
C GLU B 89 18.27 36.56 31.32
N ARG B 90 19.01 36.42 30.23
CA ARG B 90 18.39 36.44 28.90
C ARG B 90 17.45 35.26 28.71
N ASN B 91 17.88 34.07 29.12
CA ASN B 91 17.00 32.89 29.02
C ASN B 91 15.70 33.07 29.80
N LEU B 92 15.79 33.65 31.00
CA LEU B 92 14.62 34.00 31.79
C LEU B 92 13.71 34.98 31.04
N ALA B 93 14.28 36.09 30.58
CA ALA B 93 13.54 37.14 29.89
C ALA B 93 12.73 36.57 28.72
N PHE B 94 13.31 35.60 28.01
CA PHE B 94 12.64 35.02 26.85
C PHE B 94 11.32 34.36 27.25
N ALA B 95 11.30 33.61 28.35
CA ALA B 95 10.06 32.97 28.80
C ALA B 95 9.07 34.00 29.36
N LEU B 96 9.57 34.94 30.14
CA LEU B 96 8.70 36.00 30.67
C LEU B 96 8.01 36.81 29.57
N ASP B 97 8.72 37.12 28.49
CA ASP B 97 8.09 37.81 27.37
C ASP B 97 6.90 37.02 26.83
N TYR B 98 7.08 35.71 26.69
CA TYR B 98 5.96 34.84 26.29
C TYR B 98 4.77 34.92 27.26
N LEU B 99 5.04 34.85 28.56
CA LEU B 99 3.97 34.93 29.55
C LEU B 99 3.20 36.25 29.44
N VAL B 100 3.90 37.35 29.20
CA VAL B 100 3.26 38.65 28.97
C VAL B 100 2.41 38.62 27.70
N ALA B 101 2.96 38.02 26.65
CA ALA B 101 2.25 37.93 25.36
C ALA B 101 0.98 37.08 25.40
N CYS B 102 0.80 36.29 26.46
CA CYS B 102 -0.37 35.42 26.59
C CYS B 102 -1.59 36.14 27.13
N ASP B 103 -1.40 37.39 27.57
CA ASP B 103 -2.47 38.18 28.16
C ASP B 103 -3.66 38.30 27.20
N ARG B 104 -4.86 38.00 27.67
CA ARG B 104 -6.07 38.29 26.93
C ARG B 104 -7.07 39.09 27.77
N GLY B 105 -6.63 39.64 28.91
CA GLY B 105 -7.47 40.53 29.71
C GLY B 105 -8.26 39.84 30.81
N ASP B 106 -9.38 39.23 30.42
CA ASP B 106 -10.23 38.46 31.34
C ASP B 106 -9.82 37.00 31.37
N SER B 107 -8.70 36.70 30.70
CA SER B 107 -8.20 35.35 30.49
C SER B 107 -6.80 35.42 29.89
N VAL B 108 -6.15 34.27 29.75
CA VAL B 108 -4.83 34.18 29.11
C VAL B 108 -4.83 32.97 28.17
N VAL B 109 -3.96 33.00 27.17
CA VAL B 109 -3.64 31.79 26.40
C VAL B 109 -2.80 30.95 27.35
N TYR B 110 -3.27 29.74 27.68
CA TYR B 110 -2.53 28.93 28.66
C TYR B 110 -1.88 27.68 28.08
N GLN B 111 -2.11 27.44 26.79
CA GLN B 111 -1.54 26.27 26.13
C GLN B 111 -1.50 26.51 24.62
N ILE B 112 -0.42 26.12 23.97
CA ILE B 112 -0.41 25.98 22.51
C ILE B 112 -0.03 24.54 22.16
N GLY B 113 -0.86 23.87 21.38
CA GLY B 113 -0.61 22.48 21.01
C GLY B 113 -1.64 21.59 21.67
N ASP B 114 -2.09 20.57 20.95
CA ASP B 114 -2.87 19.46 21.48
C ASP B 114 -1.90 18.37 21.93
N GLY B 115 -1.90 18.02 23.21
CA GLY B 115 -0.97 17.04 23.72
C GLY B 115 -1.00 15.70 23.01
N ALA B 116 -2.20 15.14 22.78
CA ALA B 116 -2.31 13.86 22.10
C ALA B 116 -1.69 13.90 20.69
N ALA B 117 -2.09 14.86 19.86
CA ALA B 117 -1.57 14.95 18.48
C ALA B 117 -0.06 15.21 18.46
N ASP B 118 0.38 16.09 19.35
CA ASP B 118 1.77 16.54 19.35
C ASP B 118 2.66 15.36 19.75
N HIS B 119 2.29 14.66 20.82
CA HIS B 119 3.12 13.56 21.29
C HIS B 119 3.10 12.30 20.41
N LYS B 120 2.01 12.11 19.68
CA LYS B 120 1.89 11.03 18.70
C LYS B 120 2.93 11.08 17.59
N TRP B 121 3.44 12.28 17.31
CA TRP B 121 4.40 12.47 16.23
C TRP B 121 5.82 12.67 16.73
N TRP B 122 6.76 12.03 16.02
CA TRP B 122 8.16 12.04 16.41
C TRP B 122 8.95 12.72 15.30
N GLY B 123 9.34 13.96 15.53
CA GLY B 123 10.15 14.72 14.55
C GLY B 123 10.50 16.09 15.08
N SER B 124 11.21 16.88 14.27
CA SER B 124 11.81 18.13 14.73
C SER B 124 10.87 19.33 14.74
N ALA B 125 11.08 20.21 15.71
CA ALA B 125 10.23 21.40 15.91
C ALA B 125 9.98 22.21 14.63
N GLU B 126 11.03 22.40 13.84
CA GLU B 126 10.99 23.32 12.70
C GLU B 126 10.09 22.86 11.56
N VAL B 127 9.68 21.59 11.57
CA VAL B 127 8.85 21.04 10.50
C VAL B 127 7.47 20.57 10.95
N ILE B 128 7.13 20.82 12.21
CA ILE B 128 5.90 20.24 12.76
C ILE B 128 4.64 20.81 12.11
N GLU B 129 4.71 22.02 11.57
CA GLU B 129 3.54 22.61 10.92
C GLU B 129 3.16 21.93 9.61
N LYS B 130 4.06 21.13 9.04
CA LYS B 130 3.78 20.36 7.84
C LYS B 130 2.97 19.13 8.22
N GLU B 131 3.09 18.71 9.49
CA GLU B 131 2.44 17.52 9.98
C GLU B 131 1.06 17.80 10.56
N MET B 132 0.88 18.91 11.25
CA MET B 132 -0.37 19.19 11.93
C MET B 132 -0.57 20.69 12.12
N THR B 133 -1.82 21.08 12.36
CA THR B 133 -2.15 22.44 12.74
C THR B 133 -2.26 22.50 14.26
N ARG B 134 -1.68 23.53 14.89
CA ARG B 134 -1.62 23.57 16.36
C ARG B 134 -2.65 24.50 17.00
N PRO B 135 -3.60 23.95 17.78
CA PRO B 135 -4.61 24.80 18.39
C PRO B 135 -4.05 25.55 19.61
N TYR B 136 -4.69 26.64 20.03
CA TYR B 136 -4.31 27.29 21.30
C TYR B 136 -5.51 27.21 22.23
N PHE B 137 -5.29 27.43 23.52
CA PHE B 137 -6.36 27.28 24.52
C PHE B 137 -6.31 28.48 25.45
N VAL B 138 -7.50 29.00 25.76
CA VAL B 138 -7.66 30.22 26.55
C VAL B 138 -8.47 29.89 27.79
N GLY B 139 -8.08 30.44 28.93
CA GLY B 139 -8.86 30.27 30.15
C GLY B 139 -8.27 31.11 31.25
N LYS B 140 -8.67 30.81 32.48
CA LYS B 140 -8.30 31.65 33.62
C LYS B 140 -8.07 30.78 34.87
N GLY B 141 -7.60 29.55 34.67
CA GLY B 141 -7.38 28.68 35.82
C GLY B 141 -6.49 29.33 36.86
N SER B 142 -6.88 29.28 38.14
CA SER B 142 -6.13 29.97 39.19
C SER B 142 -4.69 29.47 39.36
N ALA B 143 -4.51 28.15 39.25
CA ALA B 143 -3.17 27.57 39.33
C ALA B 143 -2.26 28.10 38.22
N VAL B 144 -2.69 27.98 36.96
CA VAL B 144 -1.80 28.36 35.87
C VAL B 144 -1.59 29.90 35.84
N VAL B 145 -2.66 30.66 35.98
CA VAL B 145 -2.53 32.12 36.03
C VAL B 145 -1.73 32.61 37.24
N GLY B 146 -1.97 31.99 38.40
CA GLY B 146 -1.21 32.31 39.59
C GLY B 146 0.26 32.01 39.43
N GLN B 147 0.62 30.88 38.81
CA GLN B 147 2.05 30.58 38.60
C GLN B 147 2.68 31.56 37.61
N MET B 148 1.93 31.94 36.56
CA MET B 148 2.37 33.00 35.65
C MET B 148 2.65 34.33 36.38
N ALA B 149 1.76 34.67 37.30
CA ALA B 149 1.94 35.84 38.17
C ALA B 149 3.24 35.77 38.98
N ALA B 150 3.47 34.64 39.63
CA ALA B 150 4.66 34.46 40.46
C ALA B 150 5.93 34.64 39.62
N ALA B 151 5.97 34.00 38.45
CA ALA B 151 7.13 34.07 37.56
C ALA B 151 7.45 35.52 37.18
N LEU B 152 6.41 36.29 36.85
CA LEU B 152 6.56 37.67 36.45
C LEU B 152 6.96 38.51 37.65
N ALA B 153 6.51 38.14 38.84
CA ALA B 153 6.81 38.92 40.04
C ALA B 153 8.31 38.84 40.36
N VAL B 154 8.85 37.63 40.48
CA VAL B 154 10.29 37.51 40.75
C VAL B 154 11.10 38.04 39.56
N GLY B 155 10.64 37.76 38.34
CA GLY B 155 11.29 38.31 37.15
C GLY B 155 11.40 39.83 37.16
N SER B 156 10.34 40.52 37.60
CA SER B 156 10.35 41.96 37.74
C SER B 156 11.48 42.40 38.66
N ILE B 157 11.74 41.65 39.73
CA ILE B 157 12.82 42.02 40.66
C ILE B 157 14.19 41.83 40.01
N VAL B 158 14.43 40.62 39.52
CA VAL B 158 15.77 40.26 39.07
C VAL B 158 16.18 40.87 37.74
N LEU B 159 15.19 41.26 36.94
CA LEU B 159 15.48 41.92 35.67
C LEU B 159 15.15 43.41 35.71
N LYS B 160 14.75 43.93 36.86
CA LYS B 160 14.46 45.37 37.05
C LYS B 160 13.49 45.89 36.00
N ASN B 161 12.32 45.24 35.93
CA ASN B 161 11.45 45.41 34.78
C ASN B 161 10.02 45.68 35.25
N ASP B 162 9.59 46.92 35.05
CA ASP B 162 8.30 47.35 35.54
C ASP B 162 7.11 46.73 34.80
N THR B 163 7.32 46.37 33.52
CA THR B 163 6.28 45.71 32.74
C THR B 163 5.99 44.34 33.32
N TYR B 164 7.01 43.53 33.61
CA TYR B 164 6.76 42.27 34.27
C TYR B 164 5.96 42.44 35.56
N LEU B 165 6.30 43.45 36.36
CA LEU B 165 5.59 43.68 37.61
C LEU B 165 4.11 43.99 37.36
N ARG B 166 3.83 44.84 36.38
CA ARG B 166 2.45 45.19 36.08
C ARG B 166 1.68 43.94 35.67
N TYR B 167 2.30 43.09 34.85
CA TYR B 167 1.61 41.87 34.42
C TYR B 167 1.49 40.85 35.56
N ALA B 168 2.50 40.80 36.43
CA ALA B 168 2.42 39.99 37.63
C ALA B 168 1.19 40.32 38.46
N LYS B 169 0.98 41.61 38.71
CA LYS B 169 -0.16 42.07 39.49
C LYS B 169 -1.50 41.70 38.84
N LYS B 170 -1.57 41.96 37.54
CA LYS B 170 -2.79 41.67 36.78
C LYS B 170 -3.17 40.19 36.82
N TYR B 171 -2.17 39.34 36.59
CA TYR B 171 -2.37 37.90 36.63
C TYR B 171 -2.76 37.39 38.01
N PHE B 172 -2.11 37.91 39.05
CA PHE B 172 -2.51 37.56 40.41
C PHE B 172 -3.97 37.94 40.68
N GLU B 173 -4.35 39.14 40.25
CA GLU B 173 -5.72 39.58 40.48
C GLU B 173 -6.74 38.70 39.75
N LEU B 174 -6.40 38.30 38.54
CA LEU B 174 -7.26 37.39 37.79
C LEU B 174 -7.34 36.02 38.48
N ALA B 175 -6.20 35.48 38.89
CA ALA B 175 -6.19 34.17 39.55
C ALA B 175 -6.97 34.20 40.87
N ASP B 176 -6.78 35.28 41.64
CA ASP B 176 -7.44 35.45 42.93
C ASP B 176 -8.93 35.76 42.77
N ALA B 177 -9.33 36.38 41.66
CA ALA B 177 -10.75 36.63 41.43
C ALA B 177 -11.46 35.33 41.07
N THR B 178 -10.74 34.43 40.40
CA THR B 178 -11.37 33.30 39.73
C THR B 178 -11.57 32.15 40.72
N ARG B 179 -10.55 31.91 41.53
CA ARG B 179 -10.53 30.85 42.53
C ARG B 179 -11.11 29.53 42.04
N SER B 180 -10.60 29.04 40.92
CA SER B 180 -11.11 27.82 40.33
C SER B 180 -10.15 27.37 39.24
N ASP B 181 -9.94 26.07 39.15
CA ASP B 181 -9.21 25.49 38.03
C ASP B 181 -10.14 24.96 36.95
N SER B 182 -11.42 25.32 36.99
CA SER B 182 -12.39 24.72 36.08
C SER B 182 -12.14 25.07 34.63
N THR B 183 -11.48 26.20 34.35
CA THR B 183 -11.20 26.58 32.96
C THR B 183 -9.82 26.10 32.47
N TYR B 184 -9.13 25.32 33.30
CA TYR B 184 -7.82 24.75 32.95
C TYR B 184 -8.05 23.28 32.55
N THR B 185 -8.24 23.02 31.25
CA THR B 185 -8.62 21.69 30.79
C THR B 185 -7.60 21.10 29.81
N ALA B 186 -6.99 21.95 29.00
CA ALA B 186 -6.16 21.47 27.89
C ALA B 186 -4.90 20.70 28.30
N ALA B 187 -4.44 20.84 29.54
CA ALA B 187 -3.25 20.11 30.01
C ALA B 187 -3.60 18.83 30.78
N ASN B 188 -4.89 18.50 30.83
CA ASN B 188 -5.37 17.37 31.62
C ASN B 188 -4.58 16.11 31.32
N GLY B 189 -4.08 15.47 32.37
CA GLY B 189 -3.37 14.20 32.24
C GLY B 189 -1.88 14.40 32.01
N PHE B 190 -1.50 15.59 31.56
CA PHE B 190 -0.09 15.97 31.44
C PHE B 190 0.28 16.79 32.66
N TYR B 191 -0.44 17.88 32.89
CA TYR B 191 -0.19 18.78 34.01
C TYR B 191 -1.51 19.21 34.64
N SER B 192 -2.38 18.25 34.93
CA SER B 192 -3.55 18.52 35.76
C SER B 192 -3.18 19.24 37.05
N SER B 193 -4.09 20.05 37.56
CA SER B 193 -3.87 20.68 38.86
C SER B 193 -4.19 19.62 39.93
N HIS B 194 -3.19 19.07 40.60
CA HIS B 194 -3.44 18.01 41.60
C HIS B 194 -3.68 18.60 42.97
N SER B 195 -2.85 19.57 43.39
CA SER B 195 -2.92 20.14 44.73
C SER B 195 -4.03 21.19 44.83
N GLY B 196 -4.55 21.63 43.69
CA GLY B 196 -5.47 22.77 43.70
C GLY B 196 -4.71 24.07 43.54
N PHE B 197 -5.37 25.20 43.72
CA PHE B 197 -4.76 26.47 43.35
C PHE B 197 -4.37 27.35 44.52
N TRP B 198 -4.64 26.94 45.76
CA TRP B 198 -4.33 27.80 46.89
C TRP B 198 -2.83 28.03 47.07
N ASP B 199 -2.03 26.99 46.79
CA ASP B 199 -0.58 27.09 46.85
C ASP B 199 -0.02 28.09 45.83
N GLU B 200 -0.60 28.15 44.64
CA GLU B 200 -0.18 29.17 43.65
C GLU B 200 -0.52 30.59 44.09
N LEU B 201 -1.69 30.78 44.69
CA LEU B 201 -2.02 32.11 45.21
C LEU B 201 -1.04 32.54 46.31
N LEU B 202 -0.73 31.61 47.20
CA LEU B 202 0.29 31.85 48.23
C LEU B 202 1.65 32.23 47.64
N TRP B 203 2.09 31.45 46.66
CA TRP B 203 3.38 31.66 46.00
C TRP B 203 3.36 32.99 45.26
N ALA B 204 2.32 33.28 44.48
CA ALA B 204 2.31 34.56 43.76
C ALA B 204 2.28 35.77 44.71
N SER B 205 1.44 35.73 45.75
CA SER B 205 1.35 36.83 46.70
C SER B 205 2.63 37.02 47.51
N THR B 206 3.31 35.93 47.84
CA THR B 206 4.61 36.03 48.52
C THR B 206 5.63 36.78 47.64
N TRP B 207 5.70 36.40 46.37
CA TRP B 207 6.62 37.07 45.45
C TRP B 207 6.25 38.52 45.22
N LEU B 208 4.95 38.81 45.22
CA LEU B 208 4.50 40.19 45.02
C LEU B 208 4.90 41.07 46.20
N TYR B 209 4.80 40.49 47.39
CA TYR B 209 5.29 41.12 48.60
C TYR B 209 6.79 41.41 48.49
N LEU B 210 7.58 40.42 48.08
CA LEU B 210 9.02 40.65 47.93
C LEU B 210 9.36 41.66 46.82
N ALA B 211 8.48 41.77 45.84
CA ALA B 211 8.70 42.67 44.72
C ALA B 211 8.29 44.10 45.08
N THR B 212 7.32 44.29 45.96
CA THR B 212 6.75 45.63 46.16
C THR B 212 7.01 46.21 47.54
N GLY B 213 7.31 45.35 48.51
CA GLY B 213 7.30 45.71 49.92
C GLY B 213 5.91 46.09 50.44
N ASP B 214 4.89 45.91 49.62
CA ASP B 214 3.51 46.19 50.01
C ASP B 214 2.94 45.13 50.94
N ARG B 215 2.77 45.46 52.21
CA ARG B 215 2.28 44.51 53.22
C ARG B 215 0.87 43.96 52.96
N ASN B 216 0.12 44.59 52.07
CA ASN B 216 -1.15 43.97 51.64
C ASN B 216 -0.98 42.59 50.99
N TYR B 217 0.13 42.40 50.26
CA TYR B 217 0.42 41.08 49.69
C TYR B 217 0.85 40.09 50.75
N LEU B 218 1.59 40.57 51.77
CA LEU B 218 1.96 39.67 52.84
C LEU B 218 0.71 39.18 53.56
N ASP B 219 -0.20 40.11 53.85
CA ASP B 219 -1.49 39.76 54.46
C ASP B 219 -2.28 38.75 53.63
N LYS B 220 -2.30 38.94 52.31
CA LYS B 220 -2.91 37.96 51.41
C LYS B 220 -2.24 36.60 51.56
N ALA B 221 -0.91 36.59 51.49
CA ALA B 221 -0.16 35.34 51.58
C ALA B 221 -0.53 34.57 52.84
N GLU B 222 -0.45 35.25 53.98
CA GLU B 222 -0.74 34.62 55.26
C GLU B 222 -2.18 34.13 55.36
N SER B 223 -3.14 34.83 54.75
CA SER B 223 -4.53 34.36 54.74
C SER B 223 -4.77 33.08 53.94
N TYR B 224 -3.81 32.68 53.10
CA TYR B 224 -3.99 31.46 52.32
C TYR B 224 -3.52 30.18 53.02
N THR B 225 -2.67 30.30 54.04
CA THR B 225 -2.11 29.10 54.68
C THR B 225 -3.13 28.14 55.28
N PRO B 226 -4.27 28.64 55.81
CA PRO B 226 -5.28 27.69 56.27
C PRO B 226 -5.99 26.93 55.16
N LYS B 227 -5.94 27.42 53.92
CA LYS B 227 -6.53 26.70 52.79
C LYS B 227 -5.61 25.65 52.17
N LEU B 228 -4.33 25.62 52.57
CA LEU B 228 -3.41 24.60 52.04
C LEU B 228 -3.85 23.19 52.44
N ASN B 229 -3.49 22.22 51.61
CA ASN B 229 -3.77 20.82 51.90
C ASN B 229 -3.08 20.35 53.16
N ARG B 230 -3.74 19.46 53.91
CA ARG B 230 -3.15 18.89 55.11
C ARG B 230 -2.34 17.65 54.78
N GLN B 231 -1.48 17.25 55.72
CA GLN B 231 -0.75 15.99 55.64
C GLN B 231 -1.69 14.88 56.11
N ASN B 232 -2.12 14.04 55.17
CA ASN B 232 -3.05 12.96 55.47
C ASN B 232 -4.23 13.47 56.26
N GLN B 233 -4.59 12.84 57.37
CA GLN B 233 -5.81 13.29 58.06
C GLN B 233 -5.52 14.21 59.25
N THR B 234 -4.39 14.91 59.19
CA THR B 234 -3.88 15.60 60.37
C THR B 234 -4.08 17.10 60.19
N THR B 235 -3.68 17.87 61.19
CA THR B 235 -3.82 19.31 61.11
C THR B 235 -2.60 20.01 60.52
N ASP B 236 -1.49 19.30 60.36
CA ASP B 236 -0.29 19.88 59.77
C ASP B 236 -0.51 20.13 58.28
N ILE B 237 0.08 21.23 57.81
CA ILE B 237 0.17 21.53 56.38
C ILE B 237 0.95 20.39 55.70
N GLU B 238 0.55 19.99 54.50
CA GLU B 238 1.24 18.91 53.80
C GLU B 238 2.73 19.24 53.68
N TYR B 239 3.60 18.30 54.02
CA TYR B 239 5.03 18.57 53.95
C TYR B 239 5.77 17.42 53.29
N GLN B 240 5.11 16.27 53.14
CA GLN B 240 5.71 15.08 52.57
C GLN B 240 5.63 15.02 51.03
N TRP B 241 6.15 16.05 50.39
CA TRP B 241 6.22 16.05 48.93
C TRP B 241 7.34 17.02 48.56
N ALA B 242 7.52 17.31 47.28
CA ALA B 242 8.51 18.30 46.86
C ALA B 242 7.86 19.58 46.33
N HIS B 243 8.51 20.72 46.54
CA HIS B 243 8.30 21.91 45.71
C HIS B 243 8.43 21.52 44.23
N CYS B 244 7.42 21.84 43.42
CA CYS B 244 7.37 21.38 42.04
C CYS B 244 6.35 22.20 41.24
N TRP B 245 6.21 21.89 39.95
CA TRP B 245 5.37 22.65 39.03
C TRP B 245 3.93 22.73 39.52
N ASP B 246 3.48 21.73 40.27
CA ASP B 246 2.08 21.65 40.71
C ASP B 246 1.85 22.33 42.05
N ASP B 247 2.94 22.53 42.78
CA ASP B 247 2.80 22.91 44.19
C ASP B 247 4.03 23.57 44.75
N CYS B 248 3.93 24.89 44.94
CA CYS B 248 5.05 25.69 45.35
C CYS B 248 4.92 26.21 46.77
N HIS B 249 4.01 25.66 47.56
CA HIS B 249 3.88 26.17 48.92
C HIS B 249 5.11 25.90 49.79
N TYR B 250 5.87 24.85 49.49
CA TYR B 250 7.10 24.51 50.21
C TYR B 250 8.08 25.69 50.15
N GLY B 251 8.38 26.15 48.94
CA GLY B 251 9.27 27.31 48.79
C GLY B 251 8.69 28.60 49.33
N ALA B 252 7.38 28.78 49.20
CA ALA B 252 6.77 30.01 49.72
C ALA B 252 6.89 30.11 51.26
N MET B 253 6.70 29.00 51.95
CA MET B 253 6.84 28.95 53.42
C MET B 253 8.26 29.32 53.83
N ILE B 254 9.25 28.88 53.04
CA ILE B 254 10.66 29.21 53.30
C ILE B 254 10.92 30.71 53.13
N LEU B 255 10.33 31.27 52.07
CA LEU B 255 10.41 32.71 51.84
C LEU B 255 9.77 33.54 52.95
N LEU B 256 8.63 33.06 53.44
CA LEU B 256 7.86 33.70 54.49
C LEU B 256 8.58 33.58 55.83
N ALA B 257 9.27 32.48 56.09
CA ALA B 257 10.08 32.32 57.30
C ALA B 257 11.16 33.40 57.36
N ARG B 258 11.87 33.59 56.24
CA ARG B 258 12.90 34.61 56.16
C ARG B 258 12.32 36.03 56.22
N ALA B 259 11.24 36.27 55.48
CA ALA B 259 10.64 37.59 55.43
C ALA B 259 9.95 38.01 56.73
N THR B 260 9.30 37.08 57.44
CA THR B 260 8.54 37.43 58.63
C THR B 260 9.25 37.08 59.94
N GLY B 261 10.11 36.07 59.94
CA GLY B 261 10.73 35.59 61.17
C GLY B 261 9.80 34.69 61.98
N LYS B 262 8.56 34.53 61.54
CA LYS B 262 7.58 33.81 62.35
C LYS B 262 7.84 32.32 62.55
N GLU B 263 7.58 31.87 63.78
CA GLU B 263 7.87 30.50 64.19
C GLU B 263 7.12 29.47 63.35
N GLU B 264 5.90 29.79 62.94
CA GLU B 264 5.12 28.79 62.20
C GLU B 264 5.76 28.42 60.88
N TYR B 265 6.40 29.39 60.22
CA TYR B 265 7.04 29.12 58.93
C TYR B 265 8.33 28.35 59.09
N HIS B 266 9.15 28.71 60.09
CA HIS B 266 10.35 27.94 60.40
C HIS B 266 10.02 26.51 60.81
N LYS B 267 8.97 26.33 61.61
CA LYS B 267 8.55 24.99 62.02
C LYS B 267 8.23 24.18 60.77
N PHE B 268 7.43 24.76 59.86
CA PHE B 268 7.08 24.06 58.63
C PHE B 268 8.33 23.75 57.82
N ALA B 269 9.21 24.74 57.64
CA ALA B 269 10.41 24.55 56.81
C ALA B 269 11.28 23.42 57.32
N GLN B 270 11.49 23.35 58.64
CA GLN B 270 12.36 22.34 59.20
C GLN B 270 11.73 20.96 59.18
N MET B 271 10.41 20.89 59.38
CA MET B 271 9.68 19.62 59.28
C MET B 271 9.77 19.04 57.88
N HIS B 272 9.47 19.91 56.91
CA HIS B 272 9.53 19.54 55.50
C HIS B 272 10.94 19.10 55.09
N LEU B 273 11.94 19.94 55.37
CA LEU B 273 13.30 19.61 54.98
C LEU B 273 13.87 18.41 55.74
N ASP B 274 13.54 18.29 57.03
CA ASP B 274 14.00 17.12 57.79
C ASP B 274 13.47 15.84 57.15
N TRP B 275 12.22 15.85 56.70
CA TRP B 275 11.65 14.67 56.07
C TRP B 275 12.44 14.25 54.81
N TRP B 276 13.03 15.21 54.12
CA TRP B 276 13.86 14.93 52.93
C TRP B 276 15.28 14.46 53.27
N THR B 277 15.82 14.88 54.41
CA THR B 277 17.18 14.51 54.80
C THR B 277 17.29 13.03 55.22
N PRO B 278 18.49 12.44 55.11
CA PRO B 278 18.70 11.08 55.61
C PRO B 278 18.30 10.89 57.07
N GLN B 279 18.34 11.95 57.88
CA GLN B 279 18.01 11.83 59.31
C GLN B 279 16.51 11.83 59.61
N GLY B 280 15.70 12.20 58.63
CA GLY B 280 14.24 12.10 58.75
C GLY B 280 13.61 13.10 59.70
N TYR B 281 12.28 13.02 59.81
CA TYR B 281 11.53 13.84 60.74
C TYR B 281 10.76 12.92 61.67
N ASN B 282 11.23 12.77 62.91
CA ASN B 282 10.60 11.89 63.91
C ASN B 282 10.31 10.47 63.38
N GLY B 283 11.28 9.86 62.71
CA GLY B 283 11.09 8.50 62.20
C GLY B 283 10.46 8.40 60.81
N LYS B 284 10.07 9.53 60.21
CA LYS B 284 9.45 9.56 58.89
C LYS B 284 10.38 10.25 57.89
N ARG B 285 10.43 9.70 56.68
CA ARG B 285 11.40 10.16 55.70
C ARG B 285 10.98 9.77 54.29
N VAL B 286 11.37 10.61 53.32
CA VAL B 286 11.20 10.26 51.91
C VAL B 286 11.95 8.94 51.65
N ALA B 287 11.47 8.13 50.71
CA ALA B 287 12.23 6.96 50.25
C ALA B 287 13.64 7.33 49.78
N TYR B 288 14.64 6.53 50.15
CA TYR B 288 16.00 6.73 49.65
C TYR B 288 16.43 5.49 48.87
N THR B 289 17.17 5.69 47.80
CA THR B 289 17.74 4.54 47.10
C THR B 289 18.96 4.10 47.93
N PRO B 290 19.37 2.84 47.79
CA PRO B 290 20.60 2.43 48.47
C PRO B 290 21.80 3.29 48.07
N GLY B 291 21.80 3.85 46.87
CA GLY B 291 22.84 4.77 46.43
C GLY B 291 22.79 6.19 46.97
N GLY B 292 21.76 6.51 47.75
CA GLY B 292 21.70 7.81 48.44
C GLY B 292 20.88 8.90 47.77
N LEU B 293 20.03 8.53 46.81
CA LEU B 293 19.16 9.51 46.16
C LEU B 293 17.80 9.50 46.87
N ALA B 294 17.32 10.66 47.29
CA ALA B 294 15.96 10.81 47.80
C ALA B 294 15.02 10.64 46.61
N HIS B 295 14.18 9.61 46.68
CA HIS B 295 13.41 9.13 45.53
C HIS B 295 11.92 9.25 45.82
N LEU B 296 11.33 10.37 45.41
CA LEU B 296 9.97 10.71 45.83
C LEU B 296 8.92 9.89 45.08
N ASP B 297 9.18 9.63 43.81
CA ASP B 297 8.17 9.08 42.90
C ASP B 297 8.90 8.54 41.67
N THR B 298 8.20 7.71 40.90
CA THR B 298 8.70 7.12 39.66
C THR B 298 9.10 8.16 38.61
N TRP B 299 8.25 9.18 38.43
CA TRP B 299 8.49 10.22 37.43
C TRP B 299 9.48 11.27 37.96
N GLY B 300 10.53 11.56 37.20
CA GLY B 300 11.44 12.67 37.50
C GLY B 300 11.96 12.71 38.92
N PRO B 301 12.52 11.59 39.43
CA PRO B 301 13.01 11.66 40.80
C PRO B 301 14.18 12.63 40.94
N LEU B 302 15.03 12.76 39.92
CA LEU B 302 16.17 13.69 40.00
C LEU B 302 15.67 15.13 40.05
N ARG B 303 14.63 15.42 39.28
CA ARG B 303 13.96 16.72 39.33
C ARG B 303 13.52 17.10 40.76
N TYR B 304 12.81 16.21 41.42
CA TYR B 304 12.32 16.53 42.78
C TYR B 304 13.49 16.70 43.75
N ALA B 305 14.48 15.81 43.70
CA ALA B 305 15.56 15.86 44.68
C ALA B 305 16.45 17.09 44.49
N THR B 306 16.70 17.44 43.24
CA THR B 306 17.54 18.61 42.95
C THR B 306 16.81 19.91 43.27
N THR B 307 15.49 19.95 43.09
CA THR B 307 14.70 21.11 43.52
C THR B 307 14.75 21.24 45.04
N GLU B 308 14.60 20.14 45.78
CA GLU B 308 14.69 20.22 47.23
C GLU B 308 16.09 20.64 47.70
N ALA B 309 17.12 20.25 46.96
CA ALA B 309 18.48 20.74 47.22
C ALA B 309 18.52 22.27 47.18
N PHE B 310 17.90 22.86 46.16
CA PHE B 310 17.86 24.34 46.09
C PHE B 310 17.15 24.92 47.32
N LEU B 311 15.99 24.37 47.68
CA LEU B 311 15.24 24.88 48.85
C LEU B 311 16.06 24.76 50.13
N ALA B 312 16.72 23.61 50.30
CA ALA B 312 17.57 23.36 51.47
C ALA B 312 18.75 24.35 51.51
N PHE B 313 19.38 24.64 50.37
CA PHE B 313 20.44 25.66 50.34
C PHE B 313 19.95 27.05 50.76
N VAL B 314 18.82 27.46 50.20
CA VAL B 314 18.25 28.77 50.50
C VAL B 314 17.91 28.89 51.99
N TYR B 315 17.25 27.86 52.52
CA TYR B 315 16.88 27.87 53.93
C TYR B 315 18.10 27.86 54.87
N ALA B 316 19.05 26.98 54.61
CA ALA B 316 20.30 26.96 55.38
C ALA B 316 21.04 28.29 55.37
N ASP B 317 21.08 28.95 54.22
CA ASP B 317 21.72 30.27 54.09
C ASP B 317 20.94 31.35 54.86
N SER B 318 19.67 31.08 55.17
CA SER B 318 18.86 32.08 55.84
CA SER B 318 18.82 32.06 55.84
C SER B 318 18.86 31.95 57.36
N ILE B 319 19.44 30.87 57.89
CA ILE B 319 19.43 30.64 59.35
C ILE B 319 20.84 30.69 59.93
N ASN B 320 20.96 30.66 61.25
CA ASN B 320 22.25 30.77 61.94
C ASN B 320 22.74 29.48 62.59
N ASP B 321 21.84 28.55 62.87
CA ASP B 321 22.15 27.32 63.61
C ASP B 321 23.13 26.39 62.86
N PRO B 322 24.35 26.20 63.39
CA PRO B 322 25.38 25.48 62.64
C PRO B 322 25.06 24.02 62.36
N ALA B 323 24.39 23.34 63.28
CA ALA B 323 24.04 21.93 63.12
C ALA B 323 23.00 21.77 62.00
N LEU B 324 21.97 22.61 62.02
CA LEU B 324 20.96 22.52 60.96
C LEU B 324 21.51 22.93 59.60
N LYS B 325 22.29 24.00 59.57
CA LYS B 325 22.92 24.45 58.34
C LYS B 325 23.72 23.33 57.71
N GLN B 326 24.56 22.66 58.51
CA GLN B 326 25.34 21.56 57.98
C GLN B 326 24.48 20.42 57.45
N LYS B 327 23.42 20.08 58.19
CA LYS B 327 22.56 18.95 57.83
C LYS B 327 21.91 19.23 56.48
N TYR B 328 21.41 20.45 56.30
CA TYR B 328 20.70 20.81 55.06
C TYR B 328 21.68 20.98 53.91
N TYR B 329 22.81 21.64 54.20
CA TYR B 329 23.82 21.79 53.17
C TYR B 329 24.31 20.43 52.66
N ASN B 330 24.62 19.52 53.58
CA ASN B 330 25.08 18.19 53.17
C ASN B 330 24.02 17.48 52.32
N PHE B 331 22.77 17.49 52.78
CA PHE B 331 21.68 16.88 52.01
C PHE B 331 21.68 17.46 50.59
N ALA B 332 21.66 18.79 50.50
CA ALA B 332 21.55 19.45 49.20
C ALA B 332 22.70 19.09 48.27
N LYS B 333 23.92 19.22 48.75
CA LYS B 333 25.08 18.88 47.93
C LYS B 333 25.11 17.40 47.54
N SER B 334 24.68 16.51 48.43
CA SER B 334 24.61 15.09 48.10
C SER B 334 23.69 14.81 46.91
N GLN B 335 22.53 15.46 46.84
CA GLN B 335 21.60 15.21 45.72
C GLN B 335 22.10 15.75 44.37
N ILE B 336 22.63 16.96 44.37
CA ILE B 336 23.30 17.49 43.18
C ILE B 336 24.49 16.62 42.75
N ASP B 337 25.38 16.27 43.67
CA ASP B 337 26.49 15.39 43.31
C ASP B 337 26.02 14.03 42.78
N TYR B 338 24.96 13.45 43.36
CA TYR B 338 24.38 12.24 42.79
C TYR B 338 24.05 12.46 41.30
N ALA B 339 23.34 13.55 41.01
CA ALA B 339 22.92 13.84 39.63
C ALA B 339 24.12 14.02 38.69
N LEU B 340 25.24 14.54 39.21
CA LEU B 340 26.42 14.77 38.38
C LEU B 340 27.39 13.59 38.24
N GLY B 341 27.18 12.54 39.03
CA GLY B 341 28.01 11.34 38.97
C GLY B 341 28.25 10.55 40.24
N SER B 342 27.93 11.11 41.40
CA SER B 342 28.20 10.42 42.66
C SER B 342 27.09 9.43 42.98
N ASN B 343 27.05 8.33 42.25
CA ASN B 343 25.95 7.37 42.34
C ASN B 343 26.52 5.99 42.07
N PRO B 344 25.74 4.92 42.27
CA PRO B 344 26.33 3.59 42.06
C PRO B 344 26.91 3.34 40.65
N ASP B 345 26.49 4.10 39.66
CA ASP B 345 26.99 3.85 38.31
C ASP B 345 28.13 4.80 37.95
N ASN B 346 28.54 5.61 38.93
CA ASN B 346 29.48 6.70 38.68
C ASN B 346 29.25 7.45 37.37
N ARG B 347 28.00 7.78 37.07
CA ARG B 347 27.71 8.43 35.80
C ARG B 347 26.88 9.69 35.97
N SER B 348 27.18 10.66 35.11
CA SER B 348 26.34 11.85 35.01
C SER B 348 24.93 11.53 34.50
N TYR B 349 23.94 12.22 35.08
CA TYR B 349 22.57 12.19 34.58
C TYR B 349 22.24 13.49 33.85
N VAL B 350 23.28 14.21 33.47
CA VAL B 350 23.14 15.45 32.72
C VAL B 350 23.73 15.22 31.33
N VAL B 351 22.87 15.30 30.32
CA VAL B 351 23.30 15.11 28.92
C VAL B 351 24.50 16.03 28.62
N GLY B 352 25.53 15.46 27.99
CA GLY B 352 26.68 16.22 27.53
C GLY B 352 27.58 16.75 28.62
N PHE B 353 27.38 16.27 29.86
CA PHE B 353 28.27 16.65 30.96
C PHE B 353 28.87 15.44 31.68
N GLY B 354 30.14 15.52 32.10
CA GLY B 354 30.71 14.53 33.00
C GLY B 354 30.91 13.14 32.41
N ASN B 355 30.93 12.15 33.30
CA ASN B 355 31.24 10.79 32.85
C ASN B 355 30.01 10.01 32.40
N ASN B 356 30.14 9.40 31.22
CA ASN B 356 29.11 8.51 30.70
C ASN B 356 27.69 9.11 30.80
N PRO B 357 27.49 10.35 30.30
CA PRO B 357 26.15 10.95 30.37
C PRO B 357 25.13 10.25 29.45
N PRO B 358 23.81 10.43 29.72
CA PRO B 358 22.83 9.83 28.83
C PRO B 358 23.04 10.39 27.42
N GLN B 359 22.93 9.51 26.43
CA GLN B 359 23.10 9.86 25.02
C GLN B 359 21.81 9.75 24.22
N ARG B 360 20.80 9.12 24.82
CA ARG B 360 19.51 8.94 24.14
C ARG B 360 18.35 9.58 24.91
N PRO B 361 18.44 10.89 25.22
CA PRO B 361 17.29 11.46 25.93
C PRO B 361 16.02 11.40 25.09
N HIS B 362 14.86 11.31 25.74
CA HIS B 362 13.58 11.20 25.07
C HIS B 362 13.21 12.61 24.57
N HIS B 363 13.88 13.07 23.51
CA HIS B 363 13.70 14.44 23.03
C HIS B 363 13.74 14.40 21.50
N ARG B 364 12.67 14.85 20.86
CA ARG B 364 12.48 14.68 19.42
C ARG B 364 13.47 15.48 18.58
N THR B 365 13.62 16.75 18.89
CA THR B 365 14.44 17.62 18.06
C THR B 365 15.93 17.34 18.23
N ALA B 366 16.36 16.96 19.43
CA ALA B 366 17.76 16.57 19.63
C ALA B 366 18.10 15.30 18.87
N HIS B 367 17.13 14.39 18.77
CA HIS B 367 17.27 13.12 18.09
C HIS B 367 17.56 13.36 16.60
N GLY B 368 16.70 14.14 15.95
CA GLY B 368 16.87 14.54 14.56
C GLY B 368 16.54 13.43 13.58
N THR B 369 15.34 12.84 13.71
CA THR B 369 14.91 11.81 12.77
C THR B 369 14.30 12.45 11.51
N TRP B 370 14.14 11.65 10.46
CA TRP B 370 13.47 12.11 9.26
C TRP B 370 12.27 11.22 8.93
N LEU B 371 12.01 10.23 9.79
CA LEU B 371 10.93 9.31 9.44
C LEU B 371 9.91 8.92 10.50
N ASP B 372 9.71 9.80 11.48
CA ASP B 372 8.71 9.59 12.52
C ASP B 372 8.95 8.23 13.20
N LYS B 373 10.21 7.95 13.53
CA LYS B 373 10.58 6.76 14.30
C LYS B 373 11.58 7.13 15.39
N ARG B 374 11.50 6.45 16.54
CA ARG B 374 12.46 6.67 17.62
C ARG B 374 13.74 5.89 17.42
N ASP B 375 13.66 4.77 16.71
CA ASP B 375 14.78 3.85 16.67
C ASP B 375 15.77 4.18 15.55
N ILE B 376 15.36 5.06 14.63
CA ILE B 376 16.20 5.53 13.53
C ILE B 376 16.19 7.06 13.46
N PRO B 377 17.37 7.71 13.48
CA PRO B 377 18.72 7.16 13.58
C PRO B 377 18.96 6.58 14.96
N GLU B 378 19.85 5.59 15.04
CA GLU B 378 20.06 4.87 16.27
C GLU B 378 20.93 5.69 17.24
N LYS B 379 21.59 6.73 16.76
CA LYS B 379 22.21 7.70 17.66
C LYS B 379 21.59 9.07 17.43
N HIS B 380 21.48 9.87 18.49
CA HIS B 380 20.99 11.25 18.36
C HIS B 380 21.91 12.06 17.49
N ARG B 381 21.36 12.93 16.63
CA ARG B 381 22.21 13.77 15.79
C ARG B 381 22.73 15.03 16.47
N HIS B 382 22.16 15.37 17.61
CA HIS B 382 22.51 16.62 18.30
C HIS B 382 22.69 16.35 19.79
N VAL B 383 23.50 17.20 20.42
CA VAL B 383 23.77 17.12 21.84
C VAL B 383 22.84 18.03 22.64
N LEU B 384 21.96 17.43 23.45
CA LEU B 384 21.11 18.26 24.31
C LEU B 384 21.85 18.69 25.58
N TYR B 385 22.90 19.51 25.45
CA TYR B 385 23.73 19.85 26.61
C TYR B 385 22.91 20.34 27.80
N GLY B 386 23.17 19.76 28.97
CA GLY B 386 22.66 20.29 30.23
C GLY B 386 21.31 19.78 30.69
N ALA B 387 20.66 18.93 29.90
CA ALA B 387 19.36 18.38 30.26
C ALA B 387 19.52 17.37 31.39
N LEU B 388 18.89 17.63 32.54
CA LEU B 388 18.81 16.63 33.61
C LEU B 388 17.71 15.63 33.24
N VAL B 389 18.05 14.36 33.12
CA VAL B 389 17.04 13.34 32.80
C VAL B 389 16.21 12.93 34.01
N GLY B 390 15.14 12.17 33.78
CA GLY B 390 14.26 11.66 34.81
C GLY B 390 15.07 10.98 35.89
N GLY B 391 15.88 10.00 35.46
CA GLY B 391 16.84 9.41 36.36
C GLY B 391 16.49 7.98 36.76
N PRO B 392 17.20 7.46 37.77
CA PRO B 392 17.07 6.03 38.07
C PRO B 392 15.82 5.64 38.88
N GLY B 393 15.54 4.34 38.95
CA GLY B 393 14.43 3.81 39.74
C GLY B 393 14.82 3.78 41.21
N ARG B 394 13.94 3.24 42.05
CA ARG B 394 14.15 3.20 43.50
C ARG B 394 15.34 2.36 43.96
N ASP B 395 15.82 1.46 43.08
CA ASP B 395 16.96 0.60 43.37
C ASP B 395 18.23 1.08 42.66
N ASP B 396 18.24 2.35 42.27
CA ASP B 396 19.31 2.98 41.49
C ASP B 396 19.44 2.45 40.05
N SER B 397 18.46 1.69 39.56
CA SER B 397 18.59 1.08 38.23
C SER B 397 18.22 2.09 37.14
N TYR B 398 18.93 2.02 36.02
CA TYR B 398 18.72 2.95 34.91
C TYR B 398 19.37 2.33 33.67
N GLU B 399 18.76 2.56 32.51
CA GLU B 399 19.40 2.21 31.25
C GLU B 399 19.09 3.36 30.30
N ASP B 400 20.11 3.78 29.55
CA ASP B 400 20.05 4.86 28.57
C ASP B 400 19.37 4.40 27.28
N ASN B 401 18.07 4.66 27.16
CA ASN B 401 17.22 4.07 26.13
C ASN B 401 16.19 5.13 25.75
N ILE B 402 16.09 5.45 24.46
CA ILE B 402 15.20 6.51 24.01
C ILE B 402 13.74 6.17 24.29
N GLU B 403 13.45 4.88 24.43
CA GLU B 403 12.09 4.38 24.66
C GLU B 403 11.62 4.62 26.08
N ASP B 404 12.57 4.81 26.98
CA ASP B 404 12.21 5.02 28.38
C ASP B 404 11.80 6.47 28.60
N TYR B 405 10.51 6.75 28.39
CA TYR B 405 10.00 8.11 28.56
C TYR B 405 9.85 8.48 30.03
N VAL B 406 10.18 7.58 30.95
CA VAL B 406 10.26 7.91 32.37
C VAL B 406 11.68 8.31 32.74
N LYS B 407 12.61 7.36 32.66
CA LYS B 407 13.97 7.59 33.12
C LYS B 407 14.80 8.53 32.23
N ASN B 408 14.47 8.55 30.94
CA ASN B 408 15.16 9.42 30.00
C ASN B 408 14.36 10.64 29.55
N GLU B 409 13.29 10.95 30.27
CA GLU B 409 12.54 12.20 29.98
C GLU B 409 13.42 13.38 30.37
N VAL B 410 13.22 14.52 29.71
CA VAL B 410 13.89 15.78 30.00
C VAL B 410 12.78 16.86 29.98
N ALA B 411 12.92 17.93 30.76
CA ALA B 411 11.86 18.93 30.78
C ALA B 411 12.37 20.25 31.37
N CYS B 412 11.73 21.36 30.98
CA CYS B 412 11.94 22.65 31.63
C CYS B 412 11.97 22.55 33.15
N ASP B 413 10.99 21.88 33.73
CA ASP B 413 10.89 21.90 35.19
C ASP B 413 11.95 21.01 35.87
N TYR B 414 12.43 19.99 35.16
CA TYR B 414 13.54 19.18 35.65
C TYR B 414 14.77 20.05 35.86
N ASN B 415 15.03 20.95 34.92
CA ASN B 415 16.23 21.79 34.99
C ASN B 415 16.16 22.99 35.93
N ALA B 416 14.95 23.38 36.35
CA ALA B 416 14.75 24.72 36.93
C ALA B 416 15.36 24.88 38.33
N GLY B 417 14.90 24.06 39.28
CA GLY B 417 15.47 24.05 40.64
C GLY B 417 16.95 23.68 40.61
N PHE B 418 17.27 22.74 39.72
CA PHE B 418 18.64 22.30 39.47
C PHE B 418 19.58 23.48 39.15
N VAL B 419 19.20 24.37 38.24
CA VAL B 419 19.99 25.57 37.96
C VAL B 419 20.25 26.35 39.25
N GLY B 420 19.21 26.59 40.04
CA GLY B 420 19.37 27.29 41.33
C GLY B 420 20.47 26.66 42.18
N ALA B 421 20.41 25.35 42.33
CA ALA B 421 21.32 24.65 43.25
C ALA B 421 22.73 24.71 42.67
N LEU B 422 22.84 24.62 41.34
CA LEU B 422 24.16 24.79 40.71
C LEU B 422 24.74 26.20 40.89
N CYS B 423 23.87 27.21 40.89
CA CYS B 423 24.30 28.58 41.17
C CYS B 423 24.96 28.67 42.55
N ARG B 424 24.33 28.02 43.52
CA ARG B 424 24.81 28.05 44.89
C ARG B 424 26.15 27.34 45.00
N LEU B 425 26.28 26.21 44.31
CA LEU B 425 27.50 25.42 44.39
C LEU B 425 28.67 26.06 43.64
N THR B 426 28.40 26.64 42.47
CA THR B 426 29.45 27.40 41.78
C THR B 426 29.82 28.65 42.59
N ALA B 427 28.85 29.25 43.28
CA ALA B 427 29.16 30.39 44.13
C ALA B 427 30.18 30.04 45.22
N GLU B 428 30.07 28.82 45.74
CA GLU B 428 30.98 28.37 46.79
C GLU B 428 32.28 27.81 46.24
N TYR B 429 32.21 26.99 45.19
CA TYR B 429 33.37 26.23 44.76
C TYR B 429 34.06 26.75 43.50
N GLY B 430 33.49 27.78 42.88
CA GLY B 430 34.04 28.36 41.66
C GLY B 430 33.88 27.44 40.46
N GLY B 431 34.98 27.29 39.73
CA GLY B 431 35.06 26.41 38.57
C GLY B 431 35.17 27.30 37.35
N THR B 432 35.58 26.71 36.23
CA THR B 432 35.77 27.47 35.01
C THR B 432 34.83 26.96 33.92
N PRO B 433 33.99 27.85 33.35
CA PRO B 433 33.12 27.46 32.25
C PRO B 433 33.95 27.08 31.03
N LEU B 434 33.40 26.25 30.16
CA LEU B 434 34.08 25.90 28.92
C LEU B 434 34.18 27.09 27.96
N ALA B 435 35.38 27.36 27.45
CA ALA B 435 35.53 28.38 26.41
C ALA B 435 35.00 27.83 25.09
N ASN B 436 34.50 28.70 24.22
CA ASN B 436 34.10 28.26 22.89
C ASN B 436 33.01 27.18 22.96
N PHE B 437 32.12 27.32 23.95
CA PHE B 437 31.00 26.41 24.10
C PHE B 437 29.78 27.01 23.40
N PRO B 438 29.03 26.21 22.63
CA PRO B 438 29.22 24.78 22.35
C PRO B 438 30.13 24.61 21.13
N PRO B 439 30.83 23.46 21.04
CA PRO B 439 31.61 23.20 19.84
C PRO B 439 30.74 22.77 18.66
N PRO B 440 31.22 22.96 17.42
CA PRO B 440 30.43 22.57 16.26
C PRO B 440 30.16 21.07 16.17
N GLU B 441 28.97 20.70 15.69
CA GLU B 441 28.69 19.29 15.47
C GLU B 441 29.19 18.84 14.11
N GLN B 442 29.51 17.56 14.02
CA GLN B 442 29.62 16.84 12.77
C GLN B 442 28.26 16.78 12.09
N ARG B 443 28.15 17.27 10.86
CA ARG B 443 26.89 17.24 10.13
C ARG B 443 26.82 16.08 9.14
N ASP B 444 25.60 15.67 8.81
CA ASP B 444 25.33 14.74 7.71
C ASP B 444 24.89 15.56 6.49
N ASP B 445 24.84 14.94 5.32
CA ASP B 445 24.22 15.59 4.18
C ASP B 445 22.72 15.71 4.44
N GLU B 446 22.13 16.83 4.06
CA GLU B 446 20.74 17.13 4.43
C GLU B 446 19.76 17.06 3.26
N PHE B 447 20.12 17.65 2.12
CA PHE B 447 19.29 17.64 0.92
C PHE B 447 20.14 16.94 -0.14
N PHE B 448 19.60 15.86 -0.69
CA PHE B 448 20.37 15.05 -1.63
C PHE B 448 19.45 14.13 -2.41
N VAL B 449 19.94 13.69 -3.57
CA VAL B 449 19.20 12.68 -4.35
C VAL B 449 19.82 11.32 -4.05
N GLU B 450 18.96 10.35 -3.78
CA GLU B 450 19.32 8.94 -3.86
C GLU B 450 18.79 8.43 -5.20
N ALA B 451 19.61 7.72 -5.97
CA ALA B 451 19.13 7.22 -7.26
C ALA B 451 19.58 5.79 -7.51
N ALA B 452 18.91 5.17 -8.49
CA ALA B 452 19.23 3.81 -8.90
C ALA B 452 18.84 3.71 -10.37
N ILE B 453 19.53 2.82 -11.07
CA ILE B 453 19.16 2.45 -12.43
C ILE B 453 17.97 1.51 -12.28
N ASN B 454 16.80 1.99 -12.70
CA ASN B 454 15.60 1.18 -12.66
C ASN B 454 15.60 0.18 -13.82
N GLN B 455 16.04 0.65 -14.99
CA GLN B 455 16.17 -0.20 -16.15
C GLN B 455 17.17 0.40 -17.12
N ALA B 456 18.01 -0.44 -17.70
CA ALA B 456 18.98 0.00 -18.69
C ALA B 456 18.68 -0.75 -19.98
N SER B 457 18.72 -0.03 -21.11
CA SER B 457 18.33 -0.64 -22.38
C SER B 457 19.30 -0.14 -23.43
N ASP B 458 19.35 -0.82 -24.57
CA ASP B 458 20.20 -0.34 -25.66
C ASP B 458 19.65 0.94 -26.28
N HIS B 459 18.44 1.35 -25.90
CA HIS B 459 17.93 2.65 -26.33
C HIS B 459 17.37 3.58 -25.24
N PHE B 460 17.58 3.24 -23.96
CA PHE B 460 17.16 4.17 -22.90
C PHE B 460 17.85 3.93 -21.57
N THR B 461 17.77 4.96 -20.74
CA THR B 461 18.11 4.88 -19.33
C THR B 461 16.85 5.20 -18.54
N GLU B 462 16.52 4.35 -17.57
CA GLU B 462 15.44 4.67 -16.67
C GLU B 462 15.97 4.76 -15.24
N ILE B 463 15.71 5.92 -14.62
CA ILE B 463 16.21 6.27 -13.28
C ILE B 463 15.06 6.32 -12.27
N LYS B 464 15.28 5.73 -11.10
CA LYS B 464 14.43 5.94 -9.95
C LYS B 464 15.21 6.91 -9.06
N ALA B 465 14.60 8.05 -8.76
CA ALA B 465 15.26 9.11 -7.99
C ALA B 465 14.38 9.55 -6.82
N LEU B 466 15.01 9.65 -5.66
CA LEU B 466 14.34 10.11 -4.44
C LEU B 466 15.03 11.38 -4.02
N LEU B 467 14.32 12.51 -4.10
CA LEU B 467 14.87 13.78 -3.62
C LEU B 467 14.57 13.89 -2.12
N ASN B 468 15.63 13.93 -1.30
CA ASN B 468 15.55 13.79 0.16
C ASN B 468 15.65 15.13 0.86
N ASN B 469 14.86 15.31 1.92
CA ASN B 469 15.07 16.38 2.91
C ASN B 469 15.16 15.69 4.26
N ARG B 470 16.41 15.45 4.69
CA ARG B 470 16.71 14.94 6.04
C ARG B 470 17.42 16.04 6.85
N SER B 471 17.00 17.29 6.65
CA SER B 471 17.70 18.40 7.28
C SER B 471 17.60 18.30 8.79
N SER B 472 18.61 18.83 9.49
CA SER B 472 18.62 18.76 10.94
C SER B 472 19.52 19.85 11.55
N TRP B 473 20.26 20.59 10.73
CA TRP B 473 21.13 21.65 11.27
C TRP B 473 20.83 23.06 10.81
N PRO B 474 19.62 23.59 11.08
CA PRO B 474 18.46 22.98 11.73
C PRO B 474 17.57 22.29 10.69
N ALA B 475 16.62 21.47 11.14
CA ALA B 475 15.58 20.98 10.25
C ALA B 475 14.95 22.19 9.57
N ARG B 476 14.60 22.08 8.29
CA ARG B 476 14.08 23.26 7.59
C ARG B 476 13.36 22.82 6.32
N LEU B 477 12.64 23.75 5.71
CA LEU B 477 11.82 23.52 4.53
C LEU B 477 12.38 24.39 3.42
N ILE B 478 12.40 23.84 2.21
CA ILE B 478 12.86 24.63 1.07
C ILE B 478 11.79 24.40 0.02
N LYS B 479 11.19 25.49 -0.45
CA LYS B 479 10.15 25.37 -1.46
C LYS B 479 10.68 25.17 -2.89
N ASP B 480 11.68 25.96 -3.30
CA ASP B 480 12.13 25.94 -4.70
C ASP B 480 13.22 24.89 -4.94
N LEU B 481 12.89 23.63 -4.65
CA LEU B 481 13.82 22.52 -4.81
C LEU B 481 13.86 21.97 -6.23
N SER B 482 15.07 21.73 -6.72
CA SER B 482 15.22 20.98 -7.96
C SER B 482 16.51 20.18 -7.95
N TYR B 483 16.63 19.27 -8.92
CA TYR B 483 17.87 18.56 -9.16
C TYR B 483 18.03 18.33 -10.65
N ASN B 484 19.28 18.18 -11.09
CA ASN B 484 19.58 18.03 -12.51
C ASN B 484 20.12 16.64 -12.80
N TYR B 485 19.77 16.11 -13.97
CA TYR B 485 20.37 14.86 -14.41
C TYR B 485 21.14 15.22 -15.67
N TYR B 486 22.47 15.15 -15.60
CA TYR B 486 23.35 15.51 -16.71
C TYR B 486 23.70 14.34 -17.62
N MET B 487 23.68 14.57 -18.93
CA MET B 487 24.02 13.55 -19.93
C MET B 487 25.09 14.08 -20.88
N ASP B 488 25.88 13.18 -21.47
CA ASP B 488 26.70 13.52 -22.61
C ASP B 488 26.05 12.94 -23.86
N LEU B 489 25.65 13.80 -24.79
CA LEU B 489 24.97 13.35 -26.01
C LEU B 489 25.91 13.16 -27.22
N THR B 490 27.22 13.07 -26.96
CA THR B 490 28.23 12.88 -28.00
C THR B 490 27.85 11.73 -28.91
N GLU B 491 27.50 10.59 -28.32
CA GLU B 491 27.17 9.40 -29.12
C GLU B 491 25.91 9.57 -29.96
N VAL B 492 24.97 10.38 -29.45
CA VAL B 492 23.73 10.67 -30.17
C VAL B 492 24.09 11.41 -31.45
N PHE B 493 24.87 12.48 -31.32
CA PHE B 493 25.29 13.26 -32.47
C PHE B 493 26.16 12.44 -33.42
N GLU B 494 27.08 11.63 -32.89
CA GLU B 494 27.96 10.82 -33.76
C GLU B 494 27.21 9.82 -34.62
N ALA B 495 26.12 9.29 -34.06
CA ALA B 495 25.20 8.37 -34.73
C ALA B 495 24.26 9.04 -35.72
N GLY B 496 24.30 10.37 -35.80
CA GLY B 496 23.50 11.12 -36.77
C GLY B 496 22.15 11.59 -36.27
N TYR B 497 21.96 11.53 -34.95
CA TYR B 497 20.67 11.90 -34.38
C TYR B 497 20.78 13.26 -33.71
N SER B 498 19.67 13.77 -33.18
CA SER B 498 19.73 15.04 -32.47
C SER B 498 18.97 15.00 -31.15
N VAL B 499 19.02 16.11 -30.40
CA VAL B 499 18.30 16.24 -29.14
C VAL B 499 16.81 15.96 -29.32
N ASP B 500 16.26 16.37 -30.45
CA ASP B 500 14.85 16.13 -30.76
C ASP B 500 14.49 14.67 -30.92
N ASP B 501 15.49 13.79 -31.08
CA ASP B 501 15.21 12.36 -31.13
C ASP B 501 15.23 11.67 -29.77
N ILE B 502 15.46 12.46 -28.72
CA ILE B 502 15.58 11.91 -27.37
C ILE B 502 14.31 12.31 -26.61
N LYS B 503 13.61 11.32 -26.06
CA LYS B 503 12.31 11.52 -25.43
C LYS B 503 12.42 11.33 -23.91
N VAL B 504 11.84 12.26 -23.15
CA VAL B 504 11.80 12.14 -21.69
C VAL B 504 10.38 11.74 -21.24
N THR B 505 10.27 10.66 -20.48
CA THR B 505 8.95 10.17 -20.03
C THR B 505 9.00 9.89 -18.52
N ILE B 506 7.85 9.72 -17.89
CA ILE B 506 7.79 9.44 -16.46
C ILE B 506 7.03 8.14 -16.23
N GLY B 507 7.60 7.28 -15.39
CA GLY B 507 7.08 5.95 -15.14
C GLY B 507 6.42 5.81 -13.78
N TYR B 508 6.58 6.83 -12.92
CA TYR B 508 5.96 6.91 -11.58
C TYR B 508 6.29 8.28 -11.03
N CYS B 509 5.26 8.98 -10.51
CA CYS B 509 5.40 10.28 -9.85
C CYS B 509 4.58 10.18 -8.57
N GLU B 510 5.24 10.28 -7.43
CA GLU B 510 4.56 10.10 -6.15
C GLU B 510 3.40 11.08 -5.93
N SER B 511 2.26 10.54 -5.49
CA SER B 511 1.06 11.35 -5.26
C SER B 511 1.30 12.55 -4.33
N GLY B 512 0.84 13.73 -4.69
CA GLY B 512 0.99 14.89 -3.82
C GLY B 512 2.27 15.71 -3.97
N MET B 513 3.20 15.24 -4.79
CA MET B 513 4.46 15.95 -5.02
C MET B 513 4.42 16.60 -6.42
N ASP B 514 3.74 17.73 -6.56
CA ASP B 514 3.63 18.42 -7.83
C ASP B 514 4.98 18.70 -8.47
N VAL B 515 5.16 18.21 -9.68
CA VAL B 515 6.47 18.13 -10.32
C VAL B 515 6.42 18.60 -11.78
N GLU B 516 7.51 19.21 -12.20
CA GLU B 516 7.73 19.50 -13.61
C GLU B 516 9.12 19.04 -14.02
N ILE B 517 9.27 18.65 -15.29
CA ILE B 517 10.56 18.25 -15.82
C ILE B 517 10.85 19.12 -17.02
N SER B 518 12.02 19.75 -17.01
CA SER B 518 12.35 20.63 -18.12
C SER B 518 12.57 19.81 -19.39
N PRO B 519 12.58 20.51 -20.53
CA PRO B 519 13.13 19.89 -21.73
C PRO B 519 14.63 19.63 -21.58
N ILE B 520 15.15 18.74 -22.42
CA ILE B 520 16.59 18.55 -22.52
C ILE B 520 17.23 19.88 -22.88
N THR B 521 18.19 20.30 -22.06
CA THR B 521 18.71 21.67 -22.07
C THR B 521 20.23 21.64 -22.22
N HIS B 522 20.75 22.44 -23.15
CA HIS B 522 22.20 22.52 -23.39
C HIS B 522 22.95 23.17 -22.23
N LEU B 523 24.02 22.54 -21.79
CA LEU B 523 24.92 23.12 -20.80
C LEU B 523 26.11 23.71 -21.54
N TYR B 524 26.99 22.86 -22.06
CA TYR B 524 28.08 23.28 -22.94
C TYR B 524 28.64 22.06 -23.66
N ASP B 525 29.33 22.30 -24.77
CA ASP B 525 29.87 21.22 -25.59
C ASP B 525 28.73 20.26 -25.92
N ASN B 526 28.90 18.96 -25.66
CA ASN B 526 27.81 18.01 -25.83
C ASN B 526 27.10 17.61 -24.54
N ILE B 527 27.25 18.41 -23.49
CA ILE B 527 26.66 18.09 -22.19
C ILE B 527 25.27 18.74 -22.11
N TYR B 528 24.24 17.93 -21.84
CA TYR B 528 22.89 18.45 -21.68
C TYR B 528 22.31 17.94 -20.36
N TYR B 529 21.17 18.49 -19.94
CA TYR B 529 20.53 18.03 -18.71
C TYR B 529 19.03 18.24 -18.76
N ILE B 530 18.34 17.51 -17.88
CA ILE B 530 16.98 17.85 -17.52
C ILE B 530 16.99 18.28 -16.05
N LYS B 531 16.13 19.23 -15.74
CA LYS B 531 15.91 19.67 -14.38
C LYS B 531 14.53 19.16 -13.95
N ILE B 532 14.52 18.49 -12.81
CA ILE B 532 13.29 18.06 -12.18
C ILE B 532 13.01 19.09 -11.08
N SER B 533 11.86 19.77 -11.14
CA SER B 533 11.54 20.83 -10.18
C SER B 533 10.25 20.48 -9.43
N TYR B 534 10.29 20.63 -8.11
CA TYR B 534 9.10 20.45 -7.29
C TYR B 534 8.46 21.82 -7.03
N ILE B 535 7.19 21.97 -7.38
CA ILE B 535 6.49 23.24 -7.29
C ILE B 535 6.38 23.69 -5.83
N ASP B 536 6.04 22.76 -4.94
CA ASP B 536 6.04 23.07 -3.53
C ASP B 536 6.96 22.08 -2.82
N GLY B 537 8.25 22.38 -2.89
CA GLY B 537 9.25 21.53 -2.25
C GLY B 537 9.10 21.40 -0.75
N THR B 538 8.33 22.28 -0.11
CA THR B 538 8.13 22.18 1.36
C THR B 538 7.41 20.89 1.72
N ASN B 539 6.70 20.31 0.75
CA ASN B 539 6.12 18.97 0.94
C ASN B 539 7.14 17.82 1.03
N ILE B 540 8.38 18.11 0.68
CA ILE B 540 9.51 17.19 0.98
C ILE B 540 10.12 17.61 2.31
N CYS B 541 9.90 16.80 3.35
CA CYS B 541 10.18 17.23 4.72
C CYS B 541 10.27 16.05 5.67
N PRO B 542 11.15 16.18 6.68
CA PRO B 542 11.45 15.02 7.53
C PRO B 542 10.38 14.77 8.60
N ILE B 543 9.16 14.46 8.17
CA ILE B 543 8.04 14.31 9.09
C ILE B 543 7.45 12.90 9.12
N GLY B 544 7.96 12.03 8.26
CA GLY B 544 7.43 10.67 8.17
C GLY B 544 8.04 9.91 7.01
N GLN B 545 7.73 8.62 6.98
CA GLN B 545 8.30 7.69 6.00
C GLN B 545 7.93 8.04 4.58
N GLU B 546 6.75 8.63 4.37
CA GLU B 546 6.31 8.96 3.03
C GLU B 546 6.93 10.29 2.60
N GLN B 547 7.18 11.15 3.57
CA GLN B 547 7.32 12.55 3.22
C GLN B 547 8.77 13.01 3.06
N TYR B 548 9.72 12.31 3.68
CA TYR B 548 11.11 12.79 3.69
C TYR B 548 11.79 12.81 2.33
N ALA B 549 11.22 12.09 1.36
CA ALA B 549 11.77 12.08 0.00
C ALA B 549 10.64 12.01 -1.02
N ALA B 550 10.79 12.68 -2.15
CA ALA B 550 9.84 12.55 -3.24
C ALA B 550 10.39 11.58 -4.29
N GLU B 551 9.60 10.57 -4.66
CA GLU B 551 10.08 9.56 -5.62
C GLU B 551 9.55 9.86 -7.01
N LEU B 552 10.45 9.82 -7.99
CA LEU B 552 10.10 9.98 -9.39
C LEU B 552 10.83 8.88 -10.18
N GLN B 553 10.14 8.20 -11.09
CA GLN B 553 10.87 7.38 -12.05
C GLN B 553 10.82 8.07 -13.41
N PHE B 554 11.98 8.39 -13.97
CA PHE B 554 11.99 9.01 -15.28
C PHE B 554 12.82 8.19 -16.27
N ARG B 555 12.42 8.27 -17.53
CA ARG B 555 13.11 7.57 -18.58
C ARG B 555 13.59 8.54 -19.65
N ILE B 556 14.84 8.36 -20.10
CA ILE B 556 15.37 9.14 -21.20
C ILE B 556 15.74 8.18 -22.33
N ALA B 557 15.07 8.31 -23.47
CA ALA B 557 15.08 7.27 -24.49
C ALA B 557 15.42 7.80 -25.88
N ALA B 558 16.37 7.15 -26.54
CA ALA B 558 16.55 7.26 -27.99
C ALA B 558 15.46 6.47 -28.71
N PRO B 559 15.33 6.59 -30.04
CA PRO B 559 14.21 5.86 -30.67
C PRO B 559 14.31 4.33 -30.58
N GLN B 560 13.17 3.66 -30.53
CA GLN B 560 13.12 2.20 -30.62
C GLN B 560 13.86 1.70 -31.85
N GLY B 561 14.61 0.60 -31.74
CA GLY B 561 15.35 0.09 -32.89
C GLY B 561 16.67 0.78 -33.21
N THR B 562 17.15 1.59 -32.27
CA THR B 562 18.50 2.15 -32.39
C THR B 562 19.38 1.52 -31.31
N LYS B 563 20.69 1.51 -31.53
CA LYS B 563 21.60 0.91 -30.57
C LYS B 563 22.81 1.81 -30.31
N PHE B 564 22.62 3.13 -30.37
CA PHE B 564 23.73 4.04 -30.06
C PHE B 564 23.75 4.53 -28.62
N TRP B 565 22.60 4.51 -27.93
CA TRP B 565 22.51 5.15 -26.61
C TRP B 565 23.64 4.70 -25.67
N ASP B 566 24.40 5.65 -25.12
CA ASP B 566 25.48 5.31 -24.20
C ASP B 566 25.44 6.12 -22.90
N PRO B 567 24.90 5.50 -21.83
CA PRO B 567 24.82 6.22 -20.56
C PRO B 567 26.17 6.30 -19.85
N THR B 568 27.16 5.51 -20.25
CA THR B 568 28.39 5.39 -19.49
C THR B 568 29.28 6.63 -19.57
N ASN B 569 29.02 7.51 -20.54
CA ASN B 569 29.69 8.79 -20.56
C ASN B 569 28.84 9.91 -19.92
N ASP B 570 27.67 9.56 -19.39
CA ASP B 570 26.80 10.55 -18.75
C ASP B 570 27.24 10.90 -17.33
N PHE B 571 27.47 12.18 -17.06
CA PHE B 571 27.91 12.67 -15.75
C PHE B 571 27.04 12.13 -14.61
N SER B 572 25.71 12.18 -14.76
CA SER B 572 24.82 11.79 -13.66
C SER B 572 24.64 10.27 -13.50
N TYR B 573 25.15 9.51 -14.46
CA TYR B 573 25.08 8.05 -14.40
C TYR B 573 26.20 7.42 -13.58
N GLN B 574 27.26 8.19 -13.33
CA GLN B 574 28.46 7.63 -12.70
C GLN B 574 28.18 7.05 -11.33
N GLY B 575 28.62 5.81 -11.13
CA GLY B 575 28.53 5.16 -9.83
C GLY B 575 27.16 4.59 -9.49
N LEU B 576 26.18 4.76 -10.37
CA LEU B 576 24.84 4.25 -10.10
C LEU B 576 24.81 2.73 -10.28
N THR B 577 24.00 2.09 -9.44
CA THR B 577 23.77 0.66 -9.50
C THR B 577 22.26 0.46 -9.50
N ARG B 578 21.84 -0.80 -9.47
CA ARG B 578 20.42 -1.13 -9.35
C ARG B 578 19.88 -0.90 -7.93
N GLU B 579 20.74 -0.55 -6.97
CA GLU B 579 20.31 -0.24 -5.60
C GLU B 579 20.29 1.26 -5.33
N LEU B 580 19.28 1.75 -4.61
CA LEU B 580 19.21 3.19 -4.31
C LEU B 580 20.40 3.61 -3.48
N ALA B 581 21.07 4.68 -3.89
CA ALA B 581 22.19 5.19 -3.10
C ALA B 581 22.28 6.70 -3.32
N LYS B 582 22.74 7.44 -2.32
CA LYS B 582 23.00 8.86 -2.49
C LYS B 582 23.99 9.10 -3.62
N THR B 583 23.75 10.12 -4.44
CA THR B 583 24.68 10.46 -5.49
C THR B 583 24.98 11.94 -5.49
N LYS B 584 26.26 12.29 -5.60
CA LYS B 584 26.64 13.69 -5.72
C LYS B 584 26.51 14.22 -7.15
N TYR B 585 26.26 13.34 -8.11
CA TYR B 585 26.26 13.74 -9.52
C TYR B 585 24.86 14.09 -10.05
N MET B 586 23.87 14.12 -9.16
CA MET B 586 22.54 14.68 -9.46
C MET B 586 22.33 15.83 -8.47
N PRO B 587 22.99 16.97 -8.72
CA PRO B 587 23.09 17.99 -7.67
C PRO B 587 21.72 18.60 -7.36
N VAL B 588 21.56 19.09 -6.14
CA VAL B 588 20.28 19.64 -5.68
C VAL B 588 20.39 21.17 -5.60
N PHE B 589 19.32 21.87 -6.00
CA PHE B 589 19.31 23.34 -6.01
C PHE B 589 18.18 23.93 -5.18
N ASP B 590 18.47 25.06 -4.54
CA ASP B 590 17.46 25.89 -3.89
C ASP B 590 17.38 27.15 -4.73
N GLY B 591 16.30 27.30 -5.49
CA GLY B 591 16.30 28.34 -6.53
C GLY B 591 17.47 28.12 -7.46
N ALA B 592 18.26 29.16 -7.71
CA ALA B 592 19.45 29.08 -8.57
C ALA B 592 20.67 28.52 -7.85
N THR B 593 20.64 28.40 -6.52
CA THR B 593 21.84 28.04 -5.77
C THR B 593 22.00 26.54 -5.57
N LYS B 594 23.14 25.99 -5.98
CA LYS B 594 23.49 24.61 -5.66
C LYS B 594 23.71 24.42 -4.17
N ILE B 595 22.96 23.50 -3.56
CA ILE B 595 23.08 23.24 -2.12
C ILE B 595 23.71 21.87 -1.83
N PHE B 596 23.80 21.01 -2.84
CA PHE B 596 24.47 19.70 -2.69
C PHE B 596 24.95 19.17 -4.04
N GLY B 597 26.13 18.54 -4.02
CA GLY B 597 26.59 17.77 -5.17
C GLY B 597 27.54 18.55 -6.06
N GLU B 598 27.72 18.00 -7.26
CA GLU B 598 28.68 18.48 -8.23
C GLU B 598 28.02 18.64 -9.60
N VAL B 599 28.65 19.49 -10.39
CA VAL B 599 28.18 19.97 -11.68
C VAL B 599 29.31 19.69 -12.68
N PRO B 600 28.99 19.33 -13.94
CA PRO B 600 30.00 19.07 -14.97
C PRO B 600 30.97 20.24 -15.12
N GLY B 601 32.27 19.93 -15.09
CA GLY B 601 33.33 20.93 -15.26
C GLY B 601 33.44 22.01 -14.20
N GLY B 602 32.57 21.98 -13.18
CA GLY B 602 32.50 23.05 -12.19
C GLY B 602 33.23 22.73 -10.89
C2 BGC C . -14.31 -32.89 -14.12
C3 BGC C . -14.75 -34.20 -13.46
C4 BGC C . -13.73 -34.63 -12.41
C5 BGC C . -13.34 -33.51 -11.43
C6 BGC C . -12.06 -33.85 -10.65
C1 BGC C . -14.05 -31.82 -13.04
O1 BGC C . -13.54 -30.61 -13.61
O2 BGC C . -15.37 -32.45 -14.98
O3 BGC C . -14.95 -35.20 -14.48
O4 BGC C . -14.23 -35.74 -11.65
O5 BGC C . -13.04 -32.34 -12.18
O6 BGC C . -11.04 -34.32 -11.55
C2 BGC C . -13.95 -37.84 -10.65
C3 BGC C . -13.35 -39.22 -10.87
C4 BGC C . -13.75 -39.81 -12.22
C5 BGC C . -13.37 -38.82 -13.32
C6 BGC C . -13.92 -39.24 -14.68
C1 BGC C . -13.51 -36.95 -11.81
O2 BGC C . -13.33 -37.36 -9.47
O3 BGC C . -13.67 -40.10 -9.80
O4 BGC C . -12.98 -41.01 -12.34
O5 BGC C . -13.92 -37.53 -13.04
O6 BGC C . -15.35 -39.45 -14.66
C2 BGC C . -13.10 -43.28 -13.28
C3 BGC C . -13.89 -44.59 -13.21
C4 BGC C . -14.31 -44.93 -11.79
C5 BGC C . -15.01 -43.71 -11.20
C6 BGC C . -15.54 -43.98 -9.79
C1 BGC C . -13.82 -42.16 -12.52
O2 BGC C . -12.92 -42.93 -14.64
O3 BGC C . -13.06 -45.64 -13.74
O4 BGC C . -15.20 -46.06 -11.88
O5 BGC C . -14.11 -42.60 -11.20
O6 BGC C . -14.47 -43.87 -8.85
C2 BGC D . 5.50 15.14 35.41
C3 BGC D . 5.08 14.58 36.77
C4 BGC D . 3.58 14.23 36.75
C5 BGC D . 3.13 13.40 35.55
C6 BGC D . 1.61 13.35 35.46
C1 BGC D . 5.02 14.21 34.27
O1 BGC D . 5.33 14.72 32.97
O2 BGC D . 6.93 15.26 35.37
O3 BGC D . 5.38 15.51 37.82
O4 BGC D . 3.21 13.54 37.95
O5 BGC D . 3.61 14.04 34.38
O6 BGC D . 1.10 14.71 35.48
C2 BGC D . 1.79 13.16 39.94
C3 BGC D . 0.91 13.92 40.91
C4 BGC D . 1.77 15.01 41.56
C5 BGC D . 2.37 15.94 40.51
C6 BGC D . 3.30 16.96 41.14
C1 BGC D . 2.39 14.14 38.95
O2 BGC D . 0.93 12.30 39.17
O3 BGC D . 0.43 13.04 41.94
O4 BGC D . 0.96 15.79 42.45
O5 BGC D . 3.14 15.15 39.61
O6 BGC D . 4.38 16.27 41.78
C2 BGC D . 0.67 16.92 44.45
C3 BGC D . 0.77 16.81 45.96
C4 BGC D . 0.23 15.47 46.44
C5 BGC D . 0.94 14.34 45.71
C6 BGC D . 0.53 12.97 46.26
C1 BGC D . 1.31 15.68 43.83
O2 BGC D . 1.32 18.12 44.00
O3 BGC D . 0.06 17.90 46.55
O4 BGC D . 0.57 15.38 47.82
O5 BGC D . 0.68 14.49 44.31
O6 BGC D . -0.83 12.68 45.88
CA CA E . -7.89 -44.07 -18.10
CA CA F . -10.34 28.97 -20.89
CL CL G . -6.93 -20.52 -41.88
CL CL H . -35.70 -48.82 -20.25
CL CL I . -25.35 -15.16 -22.63
BR BR J . -22.18 -3.97 -14.38
CL CL K . -29.40 -15.92 -35.65
BR BR L . -9.47 -24.15 -18.26
CL CL M . -12.90 -22.99 -15.04
BR BR N . -5.74 38.87 -13.63
CL CL O . -15.48 14.64 -33.87
BR BR P . -12.43 31.69 30.32
CA CA Q . -1.19 23.84 43.07
CA CA R . 25.66 9.50 -23.38
CL CL S . 6.24 18.72 25.20
CL CL T . -4.12 13.39 35.91
CL CL U . 33.76 22.54 24.57
CL CL V . 31.05 21.48 -8.50
CL CL W . 24.19 13.18 22.78
BR BR X . 20.94 4.85 11.81
#